data_4HM6
#
_entry.id   4HM6
#
_cell.length_a   139.827
_cell.length_b   139.827
_cell.length_c   208.205
_cell.angle_alpha   90.000
_cell.angle_beta   90.000
_cell.angle_gamma   120.000
#
_symmetry.space_group_name_H-M   'H 3 2'
#
loop_
_entity.id
_entity.type
_entity.pdbx_description
1 polymer 'Naphthalene 1,2-dioxygenase subunit alpha'
2 polymer 'Naphthalene 1,2-dioxygenase subunit beta'
3 non-polymer 'FE2/S2 (INORGANIC) CLUSTER'
4 non-polymer 'FE (III) ION'
5 non-polymer ethoxybenzene
6 non-polymer 1,2-ETHANEDIOL
7 non-polymer 'SULFATE ION'
8 water water
#
loop_
_entity_poly.entity_id
_entity_poly.type
_entity_poly.pdbx_seq_one_letter_code
_entity_poly.pdbx_strand_id
1 'polypeptide(L)'
;MNYNNKILVSESGLSQKHLIHGDEELFQHELKTIFARNWLFLTHDSLIPAPGDYVTAKMGIDEVIVSRQNDGSIRAFLNV
CRHRGKTLVSVEAGNAKGFVCSYHGWGFGSNGELQSVPFEKDLYGESLNKKCLGLKEVARVESFHGFIYGCFDQEAPPLM
DYLGDAAWYLEPMFKHSGGLELVGPPGKVVIKANWKAPAENFVGDAYHVGWTHASSLRSGESIFSSLAGNAALPPEGAGL
QMTSKYGSGMGVLWDGYSGVHSADLVPELMAFGGAKQERLNKEIGDVRARIYRSHLNCTVFPNNSMLTCSGVFKVWNPID
ANTTEVWTYAIVEKDMPEDLKRRLADSVQRTFGPAGFWESDDNDNMETASQNGKKYQSRDSDLLSNLGFGEDVYGDAVYP
GVVGKSAIGETSYRGFYRAYQAHVSSSNWAEFEHASSTWHTELTKTTDR
;
A
2 'polypeptide(L)'
;MMINIQEDKLVSAHDAEEILRFFNCHDSALQQEATTLLTQEAHLLDIQAYRAWLEHCVGSEVQYQVISRELRAASERRYK
LNEAMNVYNENFQQLKVRVEHQLDPQNWGNSPKLRFTRFITNVQAAMDVNDKELLHIRSNVILHRARRGNQVDVFYAARE
DKWKRGEGGVRKLVQRFVDYPERILQTHNLMVFL
;
B
#
loop_
_chem_comp.id
_chem_comp.type
_chem_comp.name
_chem_comp.formula
16Q non-polymer ethoxybenzene 'C8 H10 O'
EDO non-polymer 1,2-ETHANEDIOL 'C2 H6 O2'
FE non-polymer 'FE (III) ION' 'Fe 3'
FES non-polymer 'FE2/S2 (INORGANIC) CLUSTER' 'Fe2 S2'
SO4 non-polymer 'SULFATE ION' 'O4 S -2'
#
# COMPACT_ATOMS: atom_id res chain seq x y z
N MET A 1 21.00 21.30 13.86
CA MET A 1 20.95 21.82 12.49
C MET A 1 19.99 23.00 12.43
N ASN A 2 20.40 24.07 11.75
CA ASN A 2 19.54 25.24 11.60
C ASN A 2 18.74 25.15 10.31
N TYR A 3 17.46 24.82 10.41
CA TYR A 3 16.64 24.55 9.23
C TYR A 3 16.26 25.80 8.45
N ASN A 4 16.42 26.96 9.07
CA ASN A 4 16.22 28.23 8.35
C ASN A 4 17.29 28.45 7.30
N ASN A 5 18.51 27.98 7.60
CA ASN A 5 19.69 28.28 6.80
C ASN A 5 20.25 27.10 6.02
N LYS A 6 20.17 25.90 6.58
CA LYS A 6 20.79 24.73 5.97
C LYS A 6 20.21 24.43 4.59
N ILE A 7 21.08 24.36 3.60
CA ILE A 7 20.66 24.01 2.25
C ILE A 7 20.61 22.49 2.14
N LEU A 8 19.42 21.92 2.34
CA LEU A 8 19.22 20.47 2.21
C LEU A 8 18.90 20.09 0.77
N VAL A 9 18.28 21.03 0.06
CA VAL A 9 17.95 20.86 -1.34
C VAL A 9 18.51 22.05 -2.08
N SER A 10 19.30 21.81 -3.13
CA SER A 10 19.95 22.90 -3.85
C SER A 10 18.96 23.62 -4.76
N GLU A 11 19.38 24.78 -5.27
CA GLU A 11 18.52 25.58 -6.14
C GLU A 11 17.96 24.73 -7.29
N SER A 12 16.69 24.96 -7.61
CA SER A 12 15.98 24.27 -8.69
C SER A 12 15.73 22.80 -8.38
N GLY A 13 16.00 22.40 -7.15
CA GLY A 13 15.80 21.03 -6.73
C GLY A 13 16.77 20.05 -7.37
N LEU A 14 17.94 20.54 -7.79
CA LEU A 14 18.85 19.74 -8.60
C LEU A 14 19.53 18.61 -7.82
N SER A 15 19.60 18.78 -6.50
CA SER A 15 20.23 17.78 -5.64
C SER A 15 19.73 17.92 -4.21
N GLN A 16 19.91 16.86 -3.43
CA GLN A 16 19.53 16.87 -2.02
C GLN A 16 20.64 16.23 -1.21
N LYS A 17 20.88 16.71 0.02
CA LYS A 17 21.85 16.05 0.89
C LYS A 17 21.34 14.67 1.29
N HIS A 18 22.22 13.67 1.21
CA HIS A 18 21.83 12.28 1.46
C HIS A 18 21.32 12.11 2.88
N LEU A 19 21.79 12.96 3.80
CA LEU A 19 21.33 12.90 5.19
C LEU A 19 19.82 13.03 5.35
N ILE A 20 19.14 13.61 4.36
CA ILE A 20 17.68 13.76 4.51
C ILE A 20 16.97 12.41 4.65
N HIS A 21 17.57 11.33 4.15
CA HIS A 21 16.95 10.00 4.30
C HIS A 21 17.33 9.29 5.60
N GLY A 22 18.23 9.87 6.39
CA GLY A 22 18.70 9.17 7.58
C GLY A 22 18.68 9.95 8.89
N ASP A 23 18.53 11.27 8.82
CA ASP A 23 18.76 12.08 10.02
C ASP A 23 17.52 12.11 10.91
N GLU A 24 17.64 11.60 12.14
CA GLU A 24 16.48 11.52 13.03
C GLU A 24 16.01 12.89 13.53
N GLU A 25 16.95 13.82 13.74
CA GLU A 25 16.54 15.18 14.11
C GLU A 25 15.69 15.81 13.01
N LEU A 26 16.07 15.60 11.77
CA LEU A 26 15.29 16.11 10.64
C LEU A 26 13.93 15.40 10.57
N PHE A 27 13.90 14.10 10.83
CA PHE A 27 12.64 13.38 10.86
C PHE A 27 11.71 14.05 11.87
N GLN A 28 12.21 14.31 13.07
CA GLN A 28 11.40 14.98 14.08
C GLN A 28 10.93 16.36 13.61
N HIS A 29 11.79 17.08 12.91
CA HIS A 29 11.45 18.37 12.33
C HIS A 29 10.37 18.24 11.24
N GLU A 30 10.42 17.16 10.47
CA GLU A 30 9.41 16.89 9.45
C GLU A 30 8.03 16.64 10.06
N LEU A 31 7.99 16.08 11.26
CA LEU A 31 6.70 15.86 11.93
C LEU A 31 5.98 17.19 12.05
N LYS A 32 6.74 18.24 12.39
CA LYS A 32 6.18 19.59 12.49
C LYS A 32 5.93 20.28 11.14
N THR A 33 6.95 20.31 10.29
CA THR A 33 6.90 21.16 9.09
C THR A 33 6.36 20.47 7.84
N ILE A 34 6.31 19.14 7.86
CA ILE A 34 5.72 18.39 6.75
C ILE A 34 4.39 17.78 7.16
N PHE A 35 4.40 16.90 8.15
CA PHE A 35 3.21 16.12 8.47
C PHE A 35 2.11 16.87 9.25
N ALA A 36 2.49 17.81 10.10
CA ALA A 36 1.47 18.57 10.85
C ALA A 36 0.94 19.74 10.01
N ARG A 37 1.56 19.97 8.87
CA ARG A 37 1.24 21.13 8.05
C ARG A 37 0.46 20.82 6.78
N ASN A 38 0.68 19.63 6.22
CA ASN A 38 0.17 19.30 4.88
C ASN A 38 -1.01 18.33 4.88
N TRP A 39 -1.59 18.11 3.70
CA TRP A 39 -2.74 17.22 3.56
C TRP A 39 -2.29 15.78 3.46
N LEU A 40 -2.92 14.92 4.25
CA LEU A 40 -2.52 13.52 4.36
C LEU A 40 -3.72 12.63 4.08
N PHE A 41 -3.51 11.54 3.36
CA PHE A 41 -4.62 10.67 3.02
C PHE A 41 -5.17 9.91 4.22
N LEU A 42 -6.49 9.89 4.35
CA LEU A 42 -7.16 9.19 5.44
C LEU A 42 -7.88 7.92 4.98
N THR A 43 -8.87 8.08 4.11
CA THR A 43 -9.71 6.96 3.70
C THR A 43 -10.50 7.35 2.47
N HIS A 44 -11.43 6.48 2.06
CA HIS A 44 -12.31 6.77 0.94
C HIS A 44 -13.75 6.65 1.41
N ASP A 45 -14.66 7.40 0.79
CA ASP A 45 -16.09 7.27 1.03
C ASP A 45 -16.53 5.79 1.04
N SER A 46 -15.95 5.00 0.15
CA SER A 46 -16.33 3.60 -0.04
C SER A 46 -16.03 2.72 1.17
N LEU A 47 -15.15 3.20 2.05
CA LEU A 47 -14.77 2.43 3.23
C LEU A 47 -15.54 2.87 4.48
N ILE A 48 -16.08 4.09 4.45
CA ILE A 48 -16.98 4.54 5.54
C ILE A 48 -18.27 5.17 4.98
N PRO A 49 -19.06 4.38 4.24
CA PRO A 49 -20.21 4.97 3.53
C PRO A 49 -21.42 5.33 4.40
N ALA A 50 -21.63 4.62 5.51
CA ALA A 50 -22.85 4.80 6.29
C ALA A 50 -22.57 5.53 7.61
N PRO A 51 -23.56 6.26 8.14
CA PRO A 51 -23.39 6.92 9.43
C PRO A 51 -22.91 5.93 10.50
N GLY A 52 -21.91 6.35 11.27
CA GLY A 52 -21.32 5.49 12.28
C GLY A 52 -20.13 4.68 11.82
N ASP A 53 -19.97 4.51 10.50
CA ASP A 53 -18.80 3.80 9.99
C ASP A 53 -17.56 4.60 10.34
N TYR A 54 -16.51 3.89 10.76
CA TYR A 54 -15.24 4.55 11.06
C TYR A 54 -14.07 3.68 10.66
N VAL A 55 -12.91 4.31 10.50
CA VAL A 55 -11.65 3.61 10.33
C VAL A 55 -10.62 4.34 11.18
N THR A 56 -9.51 3.67 11.46
CA THR A 56 -8.35 4.36 12.00
C THR A 56 -7.35 4.60 10.88
N ALA A 57 -6.59 5.67 10.99
CA ALA A 57 -5.58 6.03 9.99
C ALA A 57 -4.43 6.67 10.71
N LYS A 58 -3.26 6.66 10.09
CA LYS A 58 -2.14 7.45 10.60
C LYS A 58 -2.12 8.80 9.90
N MET A 59 -1.69 9.82 10.64
CA MET A 59 -1.35 11.12 10.07
C MET A 59 0.01 11.44 10.64
N GLY A 60 1.06 11.24 9.84
CA GLY A 60 2.40 11.27 10.39
C GLY A 60 2.52 10.09 11.35
N ILE A 61 3.05 10.32 12.55
CA ILE A 61 3.12 9.25 13.55
C ILE A 61 1.89 9.23 14.47
N ASP A 62 1.00 10.19 14.29
CA ASP A 62 -0.23 10.21 15.07
C ASP A 62 -1.27 9.28 14.49
N GLU A 63 -2.15 8.76 15.34
CA GLU A 63 -3.26 7.95 14.87
C GLU A 63 -4.57 8.69 15.06
N VAL A 64 -5.44 8.61 14.07
CA VAL A 64 -6.74 9.27 14.14
C VAL A 64 -7.89 8.29 13.89
N ILE A 65 -9.05 8.63 14.42
CA ILE A 65 -10.31 7.95 14.12
C ILE A 65 -11.04 8.81 13.11
N VAL A 66 -11.48 8.20 12.00
CA VAL A 66 -12.15 8.94 10.93
C VAL A 66 -13.57 8.41 10.82
N SER A 67 -14.56 9.26 11.10
CA SER A 67 -15.93 8.79 11.32
C SER A 67 -16.96 9.50 10.45
N ARG A 68 -17.85 8.70 9.86
CA ARG A 68 -18.99 9.24 9.14
C ARG A 68 -20.04 9.73 10.13
N GLN A 69 -20.35 11.03 10.04
CA GLN A 69 -21.33 11.67 10.90
C GLN A 69 -22.76 11.41 10.42
N ASN A 70 -23.74 11.66 11.28
CA ASN A 70 -25.14 11.45 10.92
C ASN A 70 -25.58 12.35 9.77
N ASP A 71 -24.95 13.51 9.64
CA ASP A 71 -25.32 14.45 8.57
C ASP A 71 -24.63 14.16 7.25
N GLY A 72 -23.87 13.06 7.21
CA GLY A 72 -23.18 12.66 5.99
C GLY A 72 -21.77 13.21 5.84
N SER A 73 -21.39 14.14 6.72
CA SER A 73 -20.03 14.66 6.70
C SER A 73 -19.06 13.67 7.36
N ILE A 74 -17.77 13.98 7.28
CA ILE A 74 -16.74 13.16 7.94
C ILE A 74 -15.91 14.04 8.87
N ARG A 75 -15.70 13.57 10.10
CA ARG A 75 -14.83 14.26 11.05
C ARG A 75 -13.77 13.29 11.53
N ALA A 76 -12.60 13.81 11.91
CA ALA A 76 -11.50 12.96 12.35
C ALA A 76 -10.93 13.50 13.66
N PHE A 77 -10.53 12.58 14.53
CA PHE A 77 -10.09 12.91 15.88
C PHE A 77 -8.88 12.09 16.27
N LEU A 78 -7.99 12.69 17.07
CA LEU A 78 -6.88 11.94 17.64
C LEU A 78 -7.42 10.73 18.39
N ASN A 79 -6.80 9.57 18.17
CA ASN A 79 -7.23 8.33 18.82
C ASN A 79 -6.62 8.24 20.23
N VAL A 80 -6.92 9.25 21.04
CA VAL A 80 -6.31 9.40 22.34
C VAL A 80 -7.34 9.92 23.33
N CYS A 81 -7.55 9.21 24.42
CA CYS A 81 -8.52 9.62 25.42
C CYS A 81 -8.13 10.92 26.13
N ARG A 82 -9.10 11.79 26.36
CA ARG A 82 -8.85 13.11 26.96
C ARG A 82 -8.60 13.07 28.47
N HIS A 83 -8.76 11.89 29.06
CA HIS A 83 -8.55 11.72 30.50
C HIS A 83 -7.07 11.46 30.78
N ARG A 84 -6.65 10.19 30.74
CA ARG A 84 -5.23 9.85 30.97
C ARG A 84 -4.51 9.34 29.71
N GLY A 85 -5.07 9.60 28.53
CA GLY A 85 -4.31 9.46 27.29
C GLY A 85 -4.17 8.08 26.69
N LYS A 86 -5.03 7.15 27.09
CA LYS A 86 -5.02 5.80 26.55
C LYS A 86 -5.51 5.81 25.11
N THR A 87 -5.03 4.87 24.29
CA THR A 87 -5.53 4.76 22.92
C THR A 87 -7.00 4.31 22.94
N LEU A 88 -7.86 5.09 22.31
CA LEU A 88 -9.30 4.87 22.43
C LEU A 88 -9.79 3.64 21.65
N VAL A 89 -9.40 3.56 20.38
CA VAL A 89 -9.88 2.54 19.47
C VAL A 89 -8.75 1.60 19.05
N SER A 90 -8.95 0.29 19.22
CA SER A 90 -7.87 -0.67 18.97
C SER A 90 -8.09 -1.48 17.70
N VAL A 91 -9.18 -1.18 16.99
CA VAL A 91 -9.49 -1.88 15.75
C VAL A 91 -9.23 -0.95 14.56
N GLU A 92 -9.33 -1.50 13.35
CA GLU A 92 -8.99 -0.76 12.14
C GLU A 92 -10.23 -0.18 11.47
N ALA A 93 -11.38 -0.83 11.68
CA ALA A 93 -12.61 -0.40 11.04
C ALA A 93 -13.80 -0.92 11.80
N GLY A 94 -14.94 -0.26 11.67
CA GLY A 94 -16.17 -0.75 12.24
C GLY A 94 -17.30 0.23 12.11
N ASN A 95 -18.36 -0.03 12.87
CA ASN A 95 -19.50 0.89 12.94
C ASN A 95 -19.92 1.06 14.39
N ALA A 96 -20.01 2.32 14.82
CA ALA A 96 -20.37 2.63 16.20
C ALA A 96 -20.90 4.04 16.34
N LYS A 97 -21.70 4.28 17.38
CA LYS A 97 -22.19 5.63 17.67
C LYS A 97 -21.24 6.37 18.58
N GLY A 98 -20.22 5.66 19.03
CA GLY A 98 -19.30 6.22 19.98
C GLY A 98 -18.21 5.25 20.35
N PHE A 99 -17.29 5.73 21.17
CA PHE A 99 -16.11 4.98 21.54
C PHE A 99 -15.90 5.13 23.04
N VAL A 100 -15.84 4.00 23.74
CA VAL A 100 -15.66 4.00 25.19
C VAL A 100 -14.23 3.59 25.52
N CYS A 101 -13.57 4.36 26.37
CA CYS A 101 -12.20 4.05 26.77
C CYS A 101 -12.14 2.88 27.75
N SER A 102 -11.24 1.95 27.50
CA SER A 102 -11.15 0.76 28.36
C SER A 102 -10.42 0.98 29.68
N TYR A 103 -9.94 2.19 29.92
CA TYR A 103 -9.23 2.48 31.16
C TYR A 103 -10.23 2.87 32.25
N HIS A 104 -10.85 4.04 32.14
CA HIS A 104 -11.86 4.44 33.12
C HIS A 104 -13.28 4.59 32.54
N GLY A 105 -13.48 4.18 31.30
CA GLY A 105 -14.82 4.08 30.77
C GLY A 105 -15.46 5.35 30.24
N TRP A 106 -14.66 6.39 30.01
CA TRP A 106 -15.19 7.62 29.42
C TRP A 106 -15.74 7.33 28.03
N GLY A 107 -16.90 7.88 27.72
CA GLY A 107 -17.57 7.60 26.46
C GLY A 107 -17.64 8.82 25.55
N PHE A 108 -17.05 8.69 24.36
CA PHE A 108 -17.04 9.78 23.39
C PHE A 108 -17.96 9.45 22.23
N GLY A 109 -18.65 10.46 21.71
CA GLY A 109 -19.50 10.26 20.54
C GLY A 109 -18.69 10.11 19.26
N SER A 110 -19.36 9.65 18.21
CA SER A 110 -18.78 9.63 16.87
C SER A 110 -18.41 11.04 16.42
N ASN A 111 -19.00 12.03 17.07
CA ASN A 111 -18.73 13.43 16.80
C ASN A 111 -17.61 13.99 17.69
N GLY A 112 -16.93 13.11 18.43
CA GLY A 112 -15.80 13.52 19.25
C GLY A 112 -16.16 14.07 20.62
N GLU A 113 -17.45 14.31 20.87
CA GLU A 113 -17.86 14.94 22.11
C GLU A 113 -17.75 13.97 23.29
N LEU A 114 -17.36 14.47 24.45
CA LEU A 114 -17.41 13.64 25.66
C LEU A 114 -18.86 13.56 26.11
N GLN A 115 -19.46 12.39 25.93
CA GLN A 115 -20.89 12.21 26.17
C GLN A 115 -21.21 11.62 27.53
N SER A 116 -20.34 10.76 28.02
CA SER A 116 -20.62 10.09 29.29
C SER A 116 -19.35 9.84 30.08
N VAL A 117 -19.47 9.97 31.38
CA VAL A 117 -18.38 9.72 32.29
C VAL A 117 -18.97 8.83 33.39
N PRO A 118 -18.38 7.64 33.64
CA PRO A 118 -19.00 6.75 34.62
C PRO A 118 -19.15 7.40 35.99
N PHE A 119 -20.36 7.31 36.55
CA PHE A 119 -20.69 7.86 37.86
C PHE A 119 -20.38 9.33 37.98
N GLU A 120 -20.62 10.08 36.91
CA GLU A 120 -20.23 11.49 36.87
C GLU A 120 -20.82 12.29 38.03
N LYS A 121 -22.11 12.12 38.28
CA LYS A 121 -22.78 12.86 39.34
C LYS A 121 -22.15 12.61 40.72
N ASP A 122 -21.87 11.35 41.01
CA ASP A 122 -21.34 10.97 42.31
C ASP A 122 -19.88 11.36 42.50
N LEU A 123 -19.13 11.40 41.41
CA LEU A 123 -17.69 11.64 41.46
C LEU A 123 -17.33 13.09 41.17
N TYR A 124 -17.78 13.58 40.02
CA TYR A 124 -17.43 14.94 39.60
C TYR A 124 -18.47 15.98 39.99
N GLY A 125 -19.67 15.51 40.33
CA GLY A 125 -20.78 16.44 40.56
C GLY A 125 -21.05 17.20 39.27
N GLU A 126 -21.12 18.52 39.36
CA GLU A 126 -21.34 19.37 38.18
C GLU A 126 -20.04 20.01 37.70
N SER A 127 -18.91 19.56 38.24
CA SER A 127 -17.64 20.26 38.08
C SER A 127 -16.86 19.90 36.81
N LEU A 128 -17.23 18.81 36.15
CA LEU A 128 -16.51 18.39 34.96
C LEU A 128 -17.08 19.09 33.74
N ASN A 129 -16.27 19.91 33.07
CA ASN A 129 -16.76 20.59 31.87
C ASN A 129 -16.54 19.73 30.63
N LYS A 130 -17.46 18.81 30.40
CA LYS A 130 -17.35 17.86 29.29
C LYS A 130 -17.29 18.57 27.93
N LYS A 131 -17.89 19.75 27.85
CA LYS A 131 -17.85 20.53 26.61
C LYS A 131 -16.43 20.90 26.17
N CYS A 132 -15.51 20.96 27.13
CA CYS A 132 -14.13 21.27 26.82
C CYS A 132 -13.26 20.03 26.76
N LEU A 133 -13.90 18.87 26.77
CA LEU A 133 -13.15 17.62 26.84
C LEU A 133 -13.43 16.70 25.67
N GLY A 134 -13.84 17.28 24.54
CA GLY A 134 -14.02 16.48 23.33
C GLY A 134 -12.67 16.04 22.79
N LEU A 135 -12.68 14.98 21.99
CA LEU A 135 -11.44 14.49 21.39
C LEU A 135 -10.77 15.59 20.56
N LYS A 136 -9.44 15.58 20.51
CA LYS A 136 -8.70 16.57 19.75
C LYS A 136 -8.99 16.36 18.26
N GLU A 137 -9.62 17.36 17.65
CA GLU A 137 -10.14 17.18 16.30
C GLU A 137 -9.14 17.63 15.24
N VAL A 138 -9.05 16.86 14.15
CA VAL A 138 -8.29 17.25 12.97
C VAL A 138 -8.96 18.48 12.37
N ALA A 139 -8.22 19.57 12.25
CA ALA A 139 -8.80 20.87 11.88
C ALA A 139 -9.49 20.88 10.51
N ARG A 140 -8.91 20.17 9.55
CA ARG A 140 -9.40 20.23 8.17
C ARG A 140 -9.57 18.83 7.61
N VAL A 141 -10.74 18.55 7.07
CA VAL A 141 -11.03 17.28 6.42
C VAL A 141 -11.80 17.57 5.14
N GLU A 142 -11.23 17.21 3.99
CA GLU A 142 -11.85 17.51 2.71
C GLU A 142 -11.78 16.30 1.78
N SER A 143 -12.63 16.32 0.75
CA SER A 143 -12.73 15.22 -0.18
C SER A 143 -12.30 15.64 -1.59
N PHE A 144 -11.56 14.77 -2.25
CA PHE A 144 -11.32 14.87 -3.68
C PHE A 144 -11.99 13.66 -4.35
N HIS A 145 -13.20 13.85 -4.84
CA HIS A 145 -13.96 12.78 -5.51
C HIS A 145 -14.03 11.49 -4.73
N GLY A 146 -14.27 11.62 -3.42
CA GLY A 146 -14.44 10.45 -2.57
C GLY A 146 -13.19 10.14 -1.76
N PHE A 147 -12.06 10.67 -2.18
CA PHE A 147 -10.81 10.43 -1.47
C PHE A 147 -10.65 11.47 -0.38
N ILE A 148 -10.56 11.02 0.86
CA ILE A 148 -10.66 11.89 2.03
C ILE A 148 -9.29 12.16 2.61
N TYR A 149 -8.94 13.44 2.71
CA TYR A 149 -7.65 13.86 3.25
C TYR A 149 -7.86 14.71 4.48
N GLY A 150 -6.88 14.70 5.38
CA GLY A 150 -6.92 15.51 6.58
C GLY A 150 -5.71 16.39 6.71
N CYS A 151 -5.86 17.47 7.46
CA CYS A 151 -4.74 18.37 7.74
C CYS A 151 -4.89 18.97 9.12
N PHE A 152 -3.84 18.86 9.93
CA PHE A 152 -3.86 19.43 11.27
C PHE A 152 -3.78 20.96 11.31
N ASP A 153 -3.35 21.56 10.20
CA ASP A 153 -3.12 23.00 10.16
C ASP A 153 -4.30 23.74 9.53
N GLN A 154 -5.02 24.51 10.34
CA GLN A 154 -6.19 25.26 9.88
C GLN A 154 -5.84 26.22 8.76
N GLU A 155 -4.55 26.59 8.65
CA GLU A 155 -4.11 27.59 7.69
C GLU A 155 -3.80 27.06 6.28
N ALA A 156 -3.83 25.74 6.12
CA ALA A 156 -3.57 25.11 4.82
C ALA A 156 -4.50 25.61 3.71
N PRO A 157 -4.01 25.59 2.46
CA PRO A 157 -4.89 25.85 1.33
C PRO A 157 -5.95 24.77 1.25
N PRO A 158 -7.10 25.07 0.65
CA PRO A 158 -8.08 24.01 0.39
C PRO A 158 -7.42 22.87 -0.39
N LEU A 159 -7.88 21.64 -0.19
CA LEU A 159 -7.28 20.47 -0.82
C LEU A 159 -7.17 20.64 -2.34
N MET A 160 -8.23 21.17 -2.97
CA MET A 160 -8.22 21.36 -4.41
C MET A 160 -7.09 22.31 -4.86
N ASP A 161 -6.89 23.40 -4.13
CA ASP A 161 -5.81 24.33 -4.47
C ASP A 161 -4.45 23.71 -4.21
N TYR A 162 -4.36 22.92 -3.14
CA TYR A 162 -3.13 22.22 -2.76
C TYR A 162 -2.67 21.24 -3.82
N LEU A 163 -3.62 20.58 -4.47
CA LEU A 163 -3.30 19.69 -5.58
C LEU A 163 -2.74 20.46 -6.77
N GLY A 164 -3.07 21.74 -6.86
CA GLY A 164 -2.53 22.60 -7.89
C GLY A 164 -2.70 22.04 -9.29
N ASP A 165 -1.65 22.11 -10.08
CA ASP A 165 -1.72 21.63 -11.46
C ASP A 165 -1.88 20.12 -11.59
N ALA A 166 -1.59 19.36 -10.54
CA ALA A 166 -1.78 17.92 -10.60
C ALA A 166 -3.25 17.52 -10.74
N ALA A 167 -4.15 18.35 -10.21
CA ALA A 167 -5.58 18.01 -10.23
C ALA A 167 -6.09 17.80 -11.64
N TRP A 168 -5.62 18.61 -12.58
CA TRP A 168 -6.05 18.52 -13.97
C TRP A 168 -5.80 17.14 -14.57
N TYR A 169 -4.66 16.55 -14.20
CA TYR A 169 -4.29 15.23 -14.70
C TYR A 169 -5.09 14.13 -14.02
N LEU A 170 -5.42 14.31 -12.74
CA LEU A 170 -6.14 13.27 -11.99
C LEU A 170 -7.63 13.23 -12.33
N GLU A 171 -8.19 14.37 -12.70
CA GLU A 171 -9.64 14.50 -12.88
C GLU A 171 -10.28 13.51 -13.87
N PRO A 172 -9.63 13.26 -15.03
CA PRO A 172 -10.30 12.31 -15.93
C PRO A 172 -10.60 10.94 -15.29
N MET A 173 -9.64 10.38 -14.56
CA MET A 173 -9.85 9.12 -13.86
C MET A 173 -10.66 9.28 -12.56
N PHE A 174 -10.41 10.35 -11.81
CA PHE A 174 -11.06 10.50 -10.50
C PHE A 174 -12.48 11.03 -10.58
N LYS A 175 -12.74 11.85 -11.59
CA LYS A 175 -14.03 12.48 -11.75
C LYS A 175 -14.78 11.97 -12.97
N HIS A 176 -14.18 12.15 -14.15
CA HIS A 176 -14.92 11.94 -15.38
C HIS A 176 -15.21 10.48 -15.73
N SER A 177 -14.51 9.55 -15.08
CA SER A 177 -14.75 8.13 -15.29
C SER A 177 -16.04 7.68 -14.63
N GLY A 178 -16.68 8.56 -13.86
CA GLY A 178 -17.85 8.19 -13.09
C GLY A 178 -17.50 7.97 -11.63
N GLY A 179 -16.21 7.97 -11.34
CA GLY A 179 -15.76 7.84 -9.97
C GLY A 179 -15.05 6.54 -9.65
N LEU A 180 -14.18 6.60 -8.63
CA LEU A 180 -13.42 5.44 -8.19
C LEU A 180 -13.89 4.98 -6.82
N GLU A 181 -13.64 3.71 -6.53
CA GLU A 181 -13.82 3.15 -5.20
C GLU A 181 -12.48 2.65 -4.71
N LEU A 182 -12.25 2.73 -3.41
CA LEU A 182 -11.05 2.15 -2.81
C LEU A 182 -11.45 0.79 -2.27
N VAL A 183 -10.73 -0.24 -2.67
CA VAL A 183 -10.97 -1.59 -2.19
C VAL A 183 -10.05 -1.86 -1.00
N GLY A 184 -10.67 -2.09 0.16
CA GLY A 184 -9.92 -2.44 1.36
C GLY A 184 -10.12 -3.91 1.69
N PRO A 185 -9.52 -4.36 2.80
CA PRO A 185 -8.60 -3.60 3.64
C PRO A 185 -7.25 -3.50 2.95
N PRO A 186 -6.40 -2.57 3.38
CA PRO A 186 -5.09 -2.44 2.73
C PRO A 186 -4.14 -3.54 3.19
N GLY A 187 -3.14 -3.89 2.38
CA GLY A 187 -2.01 -4.64 2.92
C GLY A 187 -1.20 -3.68 3.78
N LYS A 188 -0.52 -4.19 4.80
CA LYS A 188 0.33 -3.35 5.66
C LYS A 188 1.67 -4.03 5.92
N VAL A 189 2.77 -3.38 5.54
CA VAL A 189 4.12 -3.94 5.71
C VAL A 189 5.08 -2.86 6.14
N VAL A 190 5.98 -3.18 7.05
CA VAL A 190 7.03 -2.26 7.44
C VAL A 190 8.27 -2.48 6.58
N ILE A 191 8.79 -1.40 6.00
CA ILE A 191 10.06 -1.45 5.30
C ILE A 191 11.10 -0.57 6.01
N LYS A 192 12.37 -0.92 5.84
CA LYS A 192 13.44 -0.17 6.50
C LYS A 192 13.98 0.96 5.61
N ALA A 193 13.06 1.82 5.19
CA ALA A 193 13.38 2.93 4.32
C ALA A 193 12.74 4.19 4.87
N ASN A 194 13.31 5.33 4.50
CA ASN A 194 12.70 6.62 4.76
C ASN A 194 11.46 6.79 3.87
N TRP A 195 10.42 7.44 4.40
CA TRP A 195 9.18 7.64 3.64
C TRP A 195 9.40 8.35 2.31
N LYS A 196 10.46 9.16 2.24
CA LYS A 196 10.77 9.93 1.03
C LYS A 196 11.29 9.06 -0.11
N ALA A 197 11.88 7.92 0.23
CA ALA A 197 12.40 7.05 -0.81
C ALA A 197 11.29 6.49 -1.73
N PRO A 198 10.22 5.88 -1.16
CA PRO A 198 9.16 5.48 -2.09
C PRO A 198 8.35 6.67 -2.62
N ALA A 199 8.21 7.73 -1.84
CA ALA A 199 7.48 8.89 -2.33
C ALA A 199 8.13 9.47 -3.58
N GLU A 200 9.46 9.59 -3.58
CA GLU A 200 10.16 10.18 -4.73
C GLU A 200 10.11 9.23 -5.91
N ASN A 201 10.12 7.94 -5.63
CA ASN A 201 10.12 6.94 -6.68
C ASN A 201 8.80 6.98 -7.44
N PHE A 202 7.68 6.99 -6.72
CA PHE A 202 6.38 7.07 -7.36
C PHE A 202 6.10 8.42 -8.02
N VAL A 203 6.66 9.51 -7.50
CA VAL A 203 6.32 10.83 -8.03
C VAL A 203 6.93 11.06 -9.41
N GLY A 204 8.09 10.45 -9.67
CA GLY A 204 8.80 10.84 -10.86
C GLY A 204 9.84 9.90 -11.43
N ASP A 205 9.84 8.64 -11.01
CA ASP A 205 10.91 7.73 -11.41
C ASP A 205 10.46 6.70 -12.44
N ALA A 206 10.48 7.10 -13.70
CA ALA A 206 10.28 6.14 -14.79
C ALA A 206 11.59 5.50 -15.18
N TYR A 207 12.71 6.18 -14.89
CA TYR A 207 14.05 5.72 -15.28
C TYR A 207 14.34 4.33 -14.71
N HIS A 208 13.90 4.08 -13.48
CA HIS A 208 14.25 2.83 -12.79
C HIS A 208 13.54 1.60 -13.34
N VAL A 209 12.43 1.80 -14.06
CA VAL A 209 11.51 0.70 -14.34
C VAL A 209 12.13 -0.46 -15.12
N GLY A 210 12.77 -0.17 -16.25
CA GLY A 210 13.37 -1.22 -17.06
C GLY A 210 14.44 -2.03 -16.35
N TRP A 211 15.20 -1.39 -15.46
CA TRP A 211 16.30 -2.07 -14.80
C TRP A 211 15.89 -2.70 -13.46
N THR A 212 15.33 -1.88 -12.57
CA THR A 212 14.84 -2.40 -11.28
C THR A 212 13.85 -3.55 -11.48
N HIS A 213 12.89 -3.34 -12.38
CA HIS A 213 11.80 -4.29 -12.54
C HIS A 213 11.99 -5.22 -13.71
N ALA A 214 13.24 -5.37 -14.17
CA ALA A 214 13.55 -6.26 -15.30
C ALA A 214 12.91 -7.65 -15.16
N SER A 215 13.04 -8.26 -13.99
CA SER A 215 12.50 -9.61 -13.78
C SER A 215 10.97 -9.63 -13.77
N SER A 216 10.34 -8.61 -13.18
CA SER A 216 8.88 -8.56 -13.12
C SER A 216 8.28 -8.25 -14.49
N LEU A 217 8.94 -7.36 -15.23
CA LEU A 217 8.56 -7.07 -16.61
C LEU A 217 8.64 -8.33 -17.48
N ARG A 218 9.74 -9.06 -17.38
CA ARG A 218 9.95 -10.26 -18.21
C ARG A 218 8.99 -11.39 -17.82
N SER A 219 8.73 -11.54 -16.53
CA SER A 219 7.95 -12.65 -16.00
C SER A 219 6.45 -12.46 -16.11
N GLY A 220 6.02 -11.21 -15.92
CA GLY A 220 4.60 -10.91 -15.84
C GLY A 220 3.84 -10.66 -17.13
N GLU A 221 4.55 -10.29 -18.20
CA GLU A 221 3.92 -10.04 -19.51
C GLU A 221 2.94 -8.87 -19.56
N SER A 222 3.17 -7.87 -18.73
CA SER A 222 2.36 -6.66 -18.76
C SER A 222 2.64 -5.83 -20.02
N ILE A 223 1.89 -4.76 -20.26
CA ILE A 223 2.11 -3.97 -21.48
C ILE A 223 3.42 -3.18 -21.53
N PHE A 224 3.99 -2.86 -20.37
CA PHE A 224 5.25 -2.11 -20.33
C PHE A 224 6.45 -3.06 -20.47
N SER A 225 6.18 -4.31 -20.82
CA SER A 225 7.17 -5.39 -20.78
C SER A 225 8.37 -5.25 -21.72
N SER A 226 8.24 -4.43 -22.75
CA SER A 226 9.33 -4.23 -23.69
C SER A 226 10.54 -3.57 -23.04
N LEU A 227 10.35 -3.08 -21.83
CA LEU A 227 11.37 -2.31 -21.15
C LEU A 227 12.37 -3.20 -20.39
N ALA A 228 12.02 -4.48 -20.22
CA ALA A 228 12.79 -5.39 -19.36
C ALA A 228 14.30 -5.36 -19.62
N GLY A 229 15.07 -5.11 -18.56
CA GLY A 229 16.52 -5.07 -18.66
C GLY A 229 17.06 -3.96 -19.54
N ASN A 230 16.31 -2.86 -19.64
CA ASN A 230 16.68 -1.76 -20.55
C ASN A 230 16.90 -2.21 -21.99
N ALA A 231 16.09 -3.18 -22.41
CA ALA A 231 16.17 -3.72 -23.76
C ALA A 231 15.67 -2.71 -24.77
N ALA A 232 14.82 -1.80 -24.31
CA ALA A 232 14.23 -0.82 -25.21
C ALA A 232 13.82 0.44 -24.45
N LEU A 233 14.03 1.59 -25.09
CA LEU A 233 13.60 2.86 -24.53
C LEU A 233 12.22 3.17 -25.09
N PRO A 234 11.33 3.72 -24.26
CA PRO A 234 10.04 4.22 -24.76
C PRO A 234 10.30 5.21 -25.89
N PRO A 235 9.45 5.19 -26.92
CA PRO A 235 9.62 6.08 -28.07
C PRO A 235 9.43 7.55 -27.67
N GLU A 236 9.85 8.49 -28.51
CA GLU A 236 9.57 9.89 -28.23
C GLU A 236 8.06 10.07 -28.14
N GLY A 237 7.61 10.95 -27.25
CA GLY A 237 6.20 11.21 -27.12
C GLY A 237 5.46 10.08 -26.42
N ALA A 238 6.20 9.19 -25.76
CA ALA A 238 5.58 8.09 -25.04
C ALA A 238 4.92 8.58 -23.76
N GLY A 239 5.31 9.77 -23.33
CA GLY A 239 4.75 10.33 -22.12
C GLY A 239 5.34 11.65 -21.70
N LEU A 240 5.00 12.06 -20.49
CA LEU A 240 5.49 13.33 -19.96
C LEU A 240 5.61 13.26 -18.46
N GLN A 241 6.17 14.31 -17.87
CA GLN A 241 6.29 14.43 -16.44
C GLN A 241 5.76 15.78 -16.03
N MET A 242 5.16 15.85 -14.83
CA MET A 242 4.72 17.16 -14.34
C MET A 242 4.96 17.33 -12.85
N THR A 243 4.98 18.58 -12.42
CA THR A 243 5.06 18.88 -11.00
C THR A 243 4.33 20.21 -10.74
N SER A 244 4.18 20.54 -9.47
CA SER A 244 3.26 21.60 -9.06
C SER A 244 3.80 22.34 -7.86
N LYS A 245 3.14 23.45 -7.53
CA LYS A 245 3.61 24.38 -6.51
C LYS A 245 3.76 23.73 -5.14
N TYR A 246 2.76 22.94 -4.76
CA TYR A 246 2.73 22.37 -3.42
C TYR A 246 3.35 20.97 -3.36
N GLY A 247 4.00 20.58 -4.44
CA GLY A 247 4.91 19.44 -4.40
C GLY A 247 4.42 18.17 -5.07
N SER A 248 3.11 18.10 -5.33
CA SER A 248 2.56 16.92 -5.97
C SER A 248 3.03 16.88 -7.41
N GLY A 249 3.22 15.67 -7.93
CA GLY A 249 3.66 15.50 -9.31
C GLY A 249 3.36 14.10 -9.80
N MET A 250 3.57 13.90 -11.08
CA MET A 250 3.39 12.57 -11.66
C MET A 250 4.02 12.41 -13.01
N GLY A 251 4.22 11.14 -13.37
CA GLY A 251 4.55 10.77 -14.74
C GLY A 251 3.29 10.33 -15.43
N VAL A 252 3.28 10.53 -16.74
CA VAL A 252 2.16 10.11 -17.60
C VAL A 252 2.74 9.21 -18.66
N LEU A 253 2.28 7.97 -18.72
CA LEU A 253 2.69 7.07 -19.80
C LEU A 253 1.47 6.86 -20.70
N TRP A 254 1.51 7.46 -21.89
CA TRP A 254 0.34 7.48 -22.76
C TRP A 254 -0.23 6.09 -23.05
N ASP A 255 -1.55 5.97 -22.86
CA ASP A 255 -2.34 4.81 -23.28
C ASP A 255 -2.15 3.54 -22.44
N GLY A 256 -1.29 3.59 -21.43
CA GLY A 256 -0.96 2.40 -20.67
C GLY A 256 -2.01 1.91 -19.66
N TYR A 257 -3.23 1.72 -20.12
CA TYR A 257 -4.38 1.46 -19.26
C TYR A 257 -4.32 0.12 -18.49
N SER A 258 -3.69 -0.89 -19.06
CA SER A 258 -3.58 -2.14 -18.32
C SER A 258 -2.41 -2.15 -17.33
N GLY A 259 -1.56 -1.12 -17.41
CA GLY A 259 -0.51 -0.93 -16.42
C GLY A 259 0.37 -2.14 -16.17
N VAL A 260 0.56 -2.47 -14.90
CA VAL A 260 1.47 -3.55 -14.54
C VAL A 260 0.77 -4.90 -14.54
N HIS A 261 -0.52 -4.90 -14.89
CA HIS A 261 -1.29 -6.13 -14.84
C HIS A 261 -0.82 -7.15 -15.86
N SER A 262 -0.79 -8.41 -15.44
CA SER A 262 -0.28 -9.48 -16.28
C SER A 262 -1.21 -9.69 -17.46
N ALA A 263 -0.71 -10.38 -18.46
CA ALA A 263 -1.45 -10.61 -19.69
C ALA A 263 -2.88 -11.13 -19.46
N ASP A 264 -3.10 -11.81 -18.35
CA ASP A 264 -4.45 -12.32 -18.06
C ASP A 264 -5.55 -11.24 -17.97
N LEU A 265 -5.16 -9.99 -17.73
CA LEU A 265 -6.10 -8.88 -17.61
C LEU A 265 -6.00 -7.86 -18.75
N VAL A 266 -4.94 -7.97 -19.53
CA VAL A 266 -4.66 -6.96 -20.55
C VAL A 266 -5.78 -6.73 -21.57
N PRO A 267 -6.28 -7.81 -22.23
CA PRO A 267 -7.34 -7.60 -23.23
C PRO A 267 -8.61 -6.96 -22.65
N GLU A 268 -9.07 -7.45 -21.50
CA GLU A 268 -10.28 -6.93 -20.89
C GLU A 268 -10.12 -5.47 -20.52
N LEU A 269 -9.00 -5.14 -19.88
CA LEU A 269 -8.77 -3.76 -19.46
C LEU A 269 -8.65 -2.84 -20.67
N MET A 270 -7.84 -3.22 -21.65
CA MET A 270 -7.64 -2.37 -22.81
C MET A 270 -8.94 -2.15 -23.56
N ALA A 271 -9.83 -3.13 -23.56
CA ALA A 271 -11.16 -2.95 -24.11
C ALA A 271 -12.01 -1.97 -23.29
N PHE A 272 -11.99 -2.14 -21.96
CA PHE A 272 -12.82 -1.34 -21.07
C PHE A 272 -12.40 0.13 -21.11
N GLY A 273 -11.12 0.39 -20.94
CA GLY A 273 -10.62 1.75 -20.95
C GLY A 273 -10.83 2.46 -22.29
N GLY A 274 -10.61 1.74 -23.38
CA GLY A 274 -10.82 2.28 -24.70
C GLY A 274 -12.27 2.62 -24.96
N ALA A 275 -13.18 1.77 -24.48
CA ALA A 275 -14.61 2.04 -24.65
C ALA A 275 -15.05 3.30 -23.89
N LYS A 276 -14.54 3.46 -22.66
CA LYS A 276 -14.89 4.66 -21.87
C LYS A 276 -14.26 5.91 -22.47
N GLN A 277 -13.02 5.79 -22.95
CA GLN A 277 -12.34 6.89 -23.64
C GLN A 277 -13.16 7.40 -24.84
N GLU A 278 -13.74 6.49 -25.60
CA GLU A 278 -14.55 6.86 -26.75
C GLU A 278 -15.73 7.74 -26.33
N ARG A 279 -16.32 7.41 -25.19
CA ARG A 279 -17.42 8.22 -24.67
C ARG A 279 -16.92 9.57 -24.14
N LEU A 280 -15.76 9.56 -23.49
CA LEU A 280 -15.22 10.76 -22.87
C LEU A 280 -14.71 11.80 -23.86
N ASN A 281 -14.34 11.35 -25.07
CA ASN A 281 -13.90 12.29 -26.11
C ASN A 281 -14.90 13.43 -26.29
N LYS A 282 -16.18 13.09 -26.27
CA LYS A 282 -17.26 14.03 -26.50
C LYS A 282 -17.48 14.98 -25.31
N GLU A 283 -17.06 14.55 -24.13
CA GLU A 283 -17.30 15.28 -22.89
C GLU A 283 -16.16 16.21 -22.51
N ILE A 284 -14.95 15.68 -22.52
CA ILE A 284 -13.82 16.41 -21.98
C ILE A 284 -12.72 16.65 -23.01
N GLY A 285 -12.97 16.23 -24.25
CA GLY A 285 -12.02 16.41 -25.32
C GLY A 285 -11.07 15.24 -25.45
N ASP A 286 -10.42 15.13 -26.61
CA ASP A 286 -9.57 13.98 -26.92
C ASP A 286 -8.38 13.84 -25.98
N VAL A 287 -7.69 14.96 -25.70
CA VAL A 287 -6.50 14.90 -24.86
C VAL A 287 -6.83 14.40 -23.45
N ARG A 288 -7.85 14.98 -22.83
CA ARG A 288 -8.17 14.59 -21.46
C ARG A 288 -8.78 13.19 -21.40
N ALA A 289 -9.51 12.79 -22.44
CA ALA A 289 -10.05 11.42 -22.50
C ALA A 289 -8.89 10.44 -22.63
N ARG A 290 -7.82 10.85 -23.30
CA ARG A 290 -6.66 9.99 -23.44
C ARG A 290 -5.90 9.91 -22.11
N ILE A 291 -5.79 11.03 -21.41
CA ILE A 291 -5.19 11.03 -20.08
C ILE A 291 -5.91 10.07 -19.14
N TYR A 292 -7.24 10.03 -19.22
CA TYR A 292 -8.02 9.07 -18.43
C TYR A 292 -7.46 7.65 -18.54
N ARG A 293 -7.19 7.19 -19.76
CA ARG A 293 -6.71 5.82 -19.93
C ARG A 293 -5.19 5.74 -20.09
N SER A 294 -4.49 6.72 -19.54
CA SER A 294 -3.04 6.72 -19.51
C SER A 294 -2.54 6.47 -18.10
N HIS A 295 -1.42 5.75 -17.99
CA HIS A 295 -0.88 5.34 -16.70
C HIS A 295 -0.24 6.53 -16.00
N LEU A 296 -0.75 6.89 -14.83
CA LEU A 296 -0.17 7.98 -14.05
C LEU A 296 0.52 7.45 -12.82
N ASN A 297 1.81 7.74 -12.69
CA ASN A 297 2.50 7.43 -11.43
C ASN A 297 2.63 8.74 -10.67
N CYS A 298 1.91 8.85 -9.55
CA CYS A 298 1.72 10.14 -8.89
C CYS A 298 2.03 10.05 -7.40
N THR A 299 2.63 11.11 -6.86
CA THR A 299 2.63 11.31 -5.43
C THR A 299 1.86 12.58 -5.11
N VAL A 300 0.85 12.45 -4.26
CA VAL A 300 0.20 13.61 -3.64
C VAL A 300 1.02 13.93 -2.40
N PHE A 301 1.72 15.06 -2.46
CA PHE A 301 2.65 15.45 -1.41
C PHE A 301 1.93 15.42 -0.06
N PRO A 302 2.60 14.92 0.98
CA PRO A 302 3.97 14.40 0.97
C PRO A 302 4.09 12.89 0.72
N ASN A 303 3.15 12.09 1.21
CA ASN A 303 3.40 10.65 1.36
C ASN A 303 2.26 9.73 0.89
N ASN A 304 1.48 10.19 -0.07
CA ASN A 304 0.42 9.37 -0.68
C ASN A 304 0.75 9.18 -2.15
N SER A 305 0.87 7.94 -2.60
CA SER A 305 1.20 7.71 -4.00
C SER A 305 0.21 6.77 -4.67
N MET A 306 0.25 6.75 -5.99
CA MET A 306 -0.68 5.89 -6.72
C MET A 306 -0.18 5.62 -8.11
N LEU A 307 -0.65 4.51 -8.67
CA LEU A 307 -0.51 4.25 -10.10
C LEU A 307 -1.93 4.12 -10.63
N THR A 308 -2.40 5.11 -11.37
CA THR A 308 -3.74 4.95 -11.95
C THR A 308 -3.67 3.88 -13.02
N CYS A 309 -4.83 3.31 -13.33
CA CYS A 309 -4.95 2.23 -14.33
C CYS A 309 -4.40 0.91 -13.79
N SER A 310 -3.18 0.91 -13.29
CA SER A 310 -2.71 -0.23 -12.50
C SER A 310 -3.60 -0.37 -11.26
N GLY A 311 -4.05 0.76 -10.73
CA GLY A 311 -4.94 0.73 -9.59
C GLY A 311 -4.25 0.63 -8.24
N VAL A 312 -2.97 0.96 -8.18
CA VAL A 312 -2.21 0.84 -6.93
C VAL A 312 -2.36 2.13 -6.13
N PHE A 313 -2.67 2.04 -4.84
CA PHE A 313 -2.84 3.22 -4.00
C PHE A 313 -2.06 3.00 -2.71
N LYS A 314 -1.13 3.92 -2.41
CA LYS A 314 -0.14 3.75 -1.35
C LYS A 314 -0.14 4.88 -0.33
N VAL A 315 0.06 4.52 0.93
CA VAL A 315 0.42 5.51 1.95
C VAL A 315 1.75 5.08 2.54
N TRP A 316 2.72 5.99 2.53
CA TRP A 316 4.03 5.75 3.13
C TRP A 316 4.03 6.37 4.53
N ASN A 317 3.56 5.62 5.51
CA ASN A 317 3.42 6.14 6.86
C ASN A 317 4.75 6.18 7.62
N PRO A 318 5.16 7.38 8.05
CA PRO A 318 6.50 7.51 8.66
C PRO A 318 6.54 6.94 10.07
N ILE A 319 7.62 6.21 10.38
CA ILE A 319 7.82 5.69 11.72
C ILE A 319 9.07 6.33 12.35
N ASP A 320 10.19 6.24 11.64
CA ASP A 320 11.40 7.00 11.97
C ASP A 320 12.20 7.17 10.69
N ALA A 321 13.41 7.73 10.74
CA ALA A 321 14.10 8.07 9.51
C ALA A 321 14.39 6.88 8.61
N ASN A 322 14.51 5.69 9.18
CA ASN A 322 14.74 4.49 8.37
C ASN A 322 13.64 3.44 8.54
N THR A 323 12.42 3.87 8.85
CA THR A 323 11.30 2.94 9.02
C THR A 323 10.01 3.55 8.51
N THR A 324 9.32 2.82 7.65
CA THR A 324 8.07 3.28 7.03
C THR A 324 7.08 2.13 6.99
N GLU A 325 5.83 2.43 7.37
CA GLU A 325 4.77 1.44 7.31
C GLU A 325 3.94 1.68 6.04
N VAL A 326 4.01 0.72 5.11
CA VAL A 326 3.44 0.86 3.79
C VAL A 326 2.03 0.29 3.76
N TRP A 327 1.06 1.14 3.46
CA TRP A 327 -0.33 0.71 3.28
C TRP A 327 -0.66 0.63 1.80
N THR A 328 -1.23 -0.48 1.35
CA THR A 328 -1.53 -0.67 -0.06
C THR A 328 -2.99 -1.03 -0.30
N TYR A 329 -3.70 -0.15 -0.99
CA TYR A 329 -5.08 -0.41 -1.38
C TYR A 329 -5.14 -0.58 -2.89
N ALA A 330 -6.28 -1.07 -3.37
CA ALA A 330 -6.58 -1.07 -4.81
C ALA A 330 -7.63 -0.01 -5.12
N ILE A 331 -7.46 0.68 -6.24
CA ILE A 331 -8.52 1.58 -6.71
C ILE A 331 -9.15 0.96 -7.95
N VAL A 332 -10.48 1.02 -8.03
CA VAL A 332 -11.20 0.51 -9.18
C VAL A 332 -12.24 1.53 -9.62
N GLU A 333 -12.61 1.47 -10.89
CA GLU A 333 -13.65 2.34 -11.40
C GLU A 333 -15.02 1.77 -11.02
N LYS A 334 -15.88 2.61 -10.45
CA LYS A 334 -17.18 2.15 -9.91
C LYS A 334 -18.02 1.38 -10.91
N ASP A 335 -17.96 1.76 -12.19
CA ASP A 335 -18.83 1.14 -13.18
C ASP A 335 -18.23 -0.09 -13.87
N MET A 336 -17.07 -0.54 -13.40
CA MET A 336 -16.53 -1.82 -13.85
C MET A 336 -17.41 -2.93 -13.35
N PRO A 337 -17.50 -4.04 -14.11
CA PRO A 337 -18.23 -5.21 -13.60
C PRO A 337 -17.59 -5.69 -12.30
N GLU A 338 -18.42 -6.17 -11.36
CA GLU A 338 -17.91 -6.59 -10.07
C GLU A 338 -16.81 -7.65 -10.16
N ASP A 339 -16.94 -8.59 -11.09
CA ASP A 339 -15.92 -9.65 -11.21
C ASP A 339 -14.58 -9.08 -11.64
N LEU A 340 -14.62 -8.05 -12.48
CA LEU A 340 -13.40 -7.41 -12.92
C LEU A 340 -12.78 -6.61 -11.77
N LYS A 341 -13.62 -5.93 -10.99
CA LYS A 341 -13.14 -5.22 -9.80
C LYS A 341 -12.38 -6.18 -8.88
N ARG A 342 -12.95 -7.34 -8.65
CA ARG A 342 -12.35 -8.33 -7.77
C ARG A 342 -10.99 -8.80 -8.31
N ARG A 343 -10.93 -9.11 -9.60
CA ARG A 343 -9.68 -9.57 -10.18
C ARG A 343 -8.62 -8.46 -10.23
N LEU A 344 -9.06 -7.23 -10.48
CA LEU A 344 -8.15 -6.09 -10.47
C LEU A 344 -7.55 -5.88 -9.08
N ALA A 345 -8.40 -5.95 -8.05
CA ALA A 345 -7.92 -5.80 -6.68
C ALA A 345 -6.89 -6.86 -6.32
N ASP A 346 -7.16 -8.12 -6.64
CA ASP A 346 -6.19 -9.18 -6.39
C ASP A 346 -4.89 -8.94 -7.15
N SER A 347 -5.01 -8.39 -8.36
CA SER A 347 -3.81 -8.16 -9.19
C SER A 347 -2.95 -7.00 -8.66
N VAL A 348 -3.60 -5.96 -8.17
CA VAL A 348 -2.90 -4.90 -7.46
C VAL A 348 -2.07 -5.47 -6.30
N GLN A 349 -2.67 -6.36 -5.52
CA GLN A 349 -1.93 -6.92 -4.38
C GLN A 349 -0.85 -7.91 -4.84
N ARG A 350 -1.14 -8.64 -5.92
CA ARG A 350 -0.20 -9.59 -6.50
C ARG A 350 1.09 -8.90 -6.96
N THR A 351 0.95 -7.69 -7.48
CA THR A 351 2.08 -6.98 -8.05
C THR A 351 2.73 -6.02 -7.07
N PHE A 352 1.91 -5.29 -6.31
CA PHE A 352 2.42 -4.25 -5.41
C PHE A 352 2.04 -4.36 -3.94
N GLY A 353 1.40 -5.47 -3.56
CA GLY A 353 1.03 -5.66 -2.17
C GLY A 353 2.13 -6.24 -1.30
N PRO A 354 1.77 -6.78 -0.13
CA PRO A 354 2.75 -7.33 0.82
C PRO A 354 3.64 -8.40 0.18
N ALA A 355 3.08 -9.20 -0.72
CA ALA A 355 3.86 -10.13 -1.50
C ALA A 355 3.86 -9.71 -2.97
N GLY A 356 3.83 -8.41 -3.20
CA GLY A 356 3.86 -7.90 -4.57
C GLY A 356 5.21 -8.14 -5.19
N PHE A 357 5.26 -8.88 -6.29
CA PHE A 357 6.56 -9.19 -6.85
C PHE A 357 7.24 -7.98 -7.47
N TRP A 358 6.47 -7.05 -8.02
CA TRP A 358 7.05 -5.77 -8.48
C TRP A 358 7.58 -4.98 -7.30
N GLU A 359 6.74 -4.80 -6.27
CA GLU A 359 7.14 -4.02 -5.11
C GLU A 359 8.43 -4.56 -4.49
N SER A 360 8.61 -5.89 -4.54
CA SER A 360 9.79 -6.50 -3.95
C SER A 360 11.07 -6.09 -4.67
N ASP A 361 10.97 -5.82 -5.96
CA ASP A 361 12.14 -5.37 -6.73
C ASP A 361 12.69 -4.06 -6.18
N ASP A 362 11.82 -3.27 -5.55
CA ASP A 362 12.20 -1.93 -5.09
C ASP A 362 12.82 -1.93 -3.69
N ASN A 363 12.63 -3.01 -2.93
CA ASN A 363 13.00 -3.05 -1.51
C ASN A 363 14.44 -2.62 -1.24
N ASP A 364 15.40 -3.31 -1.84
CA ASP A 364 16.80 -3.03 -1.57
C ASP A 364 17.17 -1.61 -2.00
N ASN A 365 16.61 -1.18 -3.13
CA ASN A 365 16.85 0.18 -3.59
C ASN A 365 16.44 1.22 -2.54
N MET A 366 15.22 1.13 -2.03
CA MET A 366 14.78 2.14 -1.06
C MET A 366 15.45 2.01 0.29
N GLU A 367 15.60 0.78 0.75
CA GLU A 367 16.17 0.54 2.07
C GLU A 367 17.64 0.96 2.14
N THR A 368 18.45 0.54 1.16
CA THR A 368 19.87 0.88 1.23
C THR A 368 20.11 2.36 0.96
N ALA A 369 19.36 2.95 0.02
CA ALA A 369 19.51 4.38 -0.24
C ALA A 369 19.18 5.17 1.02
N SER A 370 18.18 4.71 1.77
CA SER A 370 17.81 5.40 3.00
C SER A 370 18.84 5.19 4.08
N GLN A 371 19.28 3.95 4.26
CA GLN A 371 20.20 3.65 5.35
C GLN A 371 21.59 4.26 5.12
N ASN A 372 21.97 4.40 3.85
CA ASN A 372 23.24 5.04 3.54
C ASN A 372 23.25 6.50 3.96
N GLY A 373 22.07 7.08 4.09
CA GLY A 373 21.94 8.46 4.53
C GLY A 373 22.39 8.68 5.96
N LYS A 374 22.58 7.59 6.71
CA LYS A 374 23.11 7.67 8.07
C LYS A 374 24.62 7.53 8.12
N LYS A 375 25.20 6.98 7.05
CA LYS A 375 26.62 6.67 7.04
C LYS A 375 27.46 7.93 6.95
N TYR A 376 28.51 7.98 7.78
CA TYR A 376 29.28 9.20 7.99
C TYR A 376 29.77 9.86 6.69
N GLN A 377 30.35 9.07 5.79
CA GLN A 377 30.92 9.66 4.57
C GLN A 377 29.87 10.04 3.54
N SER A 378 28.62 9.68 3.79
CA SER A 378 27.56 9.97 2.83
C SER A 378 26.60 11.06 3.25
N ARG A 379 26.57 11.41 4.53
CA ARG A 379 25.60 12.38 5.05
C ARG A 379 25.59 13.68 4.26
N ASP A 380 26.78 14.20 3.95
CA ASP A 380 26.95 15.48 3.27
C ASP A 380 27.11 15.31 1.76
N SER A 381 26.85 14.10 1.26
CA SER A 381 26.92 13.86 -0.17
C SER A 381 25.64 14.28 -0.87
N ASP A 382 25.71 14.45 -2.19
CA ASP A 382 24.58 14.97 -2.96
C ASP A 382 23.88 13.90 -3.80
N LEU A 383 22.61 13.65 -3.48
CA LEU A 383 21.74 12.85 -4.33
C LEU A 383 21.35 13.69 -5.54
N LEU A 384 21.47 13.12 -6.74
CA LEU A 384 21.27 13.89 -7.97
C LEU A 384 19.89 13.73 -8.56
N SER A 385 19.27 14.85 -8.93
CA SER A 385 18.00 14.81 -9.66
C SER A 385 17.98 15.87 -10.76
N ASN A 386 18.99 15.80 -11.63
CA ASN A 386 19.17 16.81 -12.67
C ASN A 386 18.74 16.37 -14.07
N LEU A 387 18.27 15.14 -14.21
CA LEU A 387 17.88 14.64 -15.54
C LEU A 387 16.74 15.47 -16.13
N GLY A 388 16.97 16.07 -17.29
CA GLY A 388 15.97 16.86 -17.98
C GLY A 388 15.94 18.32 -17.57
N PHE A 389 16.81 18.70 -16.66
CA PHE A 389 16.84 20.09 -16.22
C PHE A 389 17.23 21.01 -17.37
N GLY A 390 16.50 22.11 -17.51
CA GLY A 390 16.75 23.04 -18.58
C GLY A 390 15.87 22.78 -19.79
N GLU A 391 15.03 21.76 -19.70
CA GLU A 391 14.09 21.46 -20.77
C GLU A 391 12.63 21.43 -20.29
N ASP A 392 12.41 21.75 -19.02
CA ASP A 392 11.04 21.86 -18.52
C ASP A 392 10.39 23.17 -18.93
N VAL A 393 9.06 23.15 -19.05
CA VAL A 393 8.30 24.36 -19.37
C VAL A 393 7.24 24.59 -18.32
N TYR A 394 6.69 25.80 -18.32
CA TYR A 394 5.53 26.13 -17.50
C TYR A 394 4.53 26.87 -18.36
N GLY A 395 3.24 26.72 -18.06
CA GLY A 395 2.20 27.46 -18.76
C GLY A 395 1.87 26.97 -20.16
N ASP A 396 2.17 25.70 -20.43
CA ASP A 396 1.91 25.12 -21.76
C ASP A 396 0.44 25.23 -22.12
N ALA A 397 0.15 25.39 -23.42
CA ALA A 397 -1.22 25.56 -23.88
C ALA A 397 -2.10 24.33 -23.64
N VAL A 398 -1.47 23.16 -23.53
CA VAL A 398 -2.23 21.92 -23.39
C VAL A 398 -2.06 21.25 -22.03
N TYR A 399 -0.82 21.20 -21.54
CA TYR A 399 -0.49 20.45 -20.31
C TYR A 399 0.01 21.39 -19.23
N PRO A 400 -0.77 21.54 -18.13
CA PRO A 400 -0.45 22.52 -17.10
C PRO A 400 0.58 22.04 -16.08
N GLY A 401 1.18 23.00 -15.38
CA GLY A 401 2.21 22.73 -14.38
C GLY A 401 3.59 22.95 -14.93
N VAL A 402 4.62 22.59 -14.16
CA VAL A 402 5.96 22.50 -14.71
C VAL A 402 6.05 21.14 -15.35
N VAL A 403 6.32 21.13 -16.65
CA VAL A 403 6.18 19.92 -17.45
C VAL A 403 7.45 19.60 -18.21
N GLY A 404 7.87 18.34 -18.13
CA GLY A 404 8.92 17.83 -19.00
C GLY A 404 8.24 16.98 -20.04
N LYS A 405 8.36 17.36 -21.32
CA LYS A 405 7.67 16.64 -22.37
C LYS A 405 8.47 15.42 -22.84
N SER A 406 8.75 14.53 -21.90
CA SER A 406 9.45 13.29 -22.15
C SER A 406 8.99 12.29 -21.10
N ALA A 407 8.98 11.01 -21.45
CA ALA A 407 8.48 9.99 -20.54
C ALA A 407 9.38 9.76 -19.33
N ILE A 408 10.69 9.94 -19.53
CA ILE A 408 11.67 9.64 -18.50
C ILE A 408 12.50 10.87 -18.14
N GLY A 409 12.48 11.25 -16.87
CA GLY A 409 13.27 12.37 -16.42
C GLY A 409 13.11 12.58 -14.93
N GLU A 410 13.61 13.71 -14.43
CA GLU A 410 13.56 13.95 -12.99
C GLU A 410 12.82 15.26 -12.64
N THR A 411 11.99 15.72 -13.57
CA THR A 411 11.15 16.90 -13.36
C THR A 411 10.37 16.84 -12.04
N SER A 412 9.76 15.70 -11.76
CA SER A 412 8.89 15.60 -10.61
C SER A 412 9.65 15.47 -9.30
N TYR A 413 10.89 14.96 -9.36
CA TYR A 413 11.77 14.98 -8.20
C TYR A 413 12.05 16.42 -7.82
N ARG A 414 12.38 17.23 -8.81
CA ARG A 414 12.72 18.63 -8.55
C ARG A 414 11.59 19.41 -7.90
N GLY A 415 10.38 19.26 -8.40
CA GLY A 415 9.23 19.93 -7.80
C GLY A 415 8.90 19.42 -6.40
N PHE A 416 9.01 18.11 -6.20
CA PHE A 416 8.80 17.52 -4.89
C PHE A 416 9.77 18.11 -3.88
N TYR A 417 11.06 18.10 -4.22
CA TYR A 417 12.06 18.55 -3.26
C TYR A 417 12.10 20.07 -3.10
N ARG A 418 11.71 20.81 -4.14
CA ARG A 418 11.57 22.26 -3.97
C ARG A 418 10.52 22.57 -2.90
N ALA A 419 9.36 21.92 -3.01
CA ALA A 419 8.31 22.12 -2.00
C ALA A 419 8.76 21.63 -0.62
N TYR A 420 9.44 20.50 -0.57
CA TYR A 420 9.96 19.97 0.69
C TYR A 420 10.88 20.96 1.41
N GLN A 421 11.83 21.53 0.66
CA GLN A 421 12.78 22.48 1.24
C GLN A 421 12.07 23.75 1.69
N ALA A 422 11.11 24.22 0.90
CA ALA A 422 10.35 25.40 1.30
C ALA A 422 9.59 25.18 2.61
N HIS A 423 9.03 23.98 2.80
CA HIS A 423 8.37 23.68 4.07
C HIS A 423 9.33 23.55 5.25
N VAL A 424 10.42 22.81 5.06
CA VAL A 424 11.38 22.56 6.14
C VAL A 424 12.01 23.85 6.68
N SER A 425 12.14 24.84 5.81
CA SER A 425 12.77 26.10 6.20
C SER A 425 11.75 27.16 6.63
N SER A 426 10.48 26.79 6.69
CA SER A 426 9.40 27.74 7.01
C SER A 426 8.68 27.36 8.30
N SER A 427 8.15 28.36 9.01
CA SER A 427 7.48 28.13 10.28
C SER A 427 5.98 28.00 10.14
N ASN A 428 5.45 28.34 8.98
CA ASN A 428 4.01 28.34 8.76
C ASN A 428 3.69 28.43 7.27
N TRP A 429 2.41 28.34 6.94
CA TRP A 429 2.00 28.42 5.54
C TRP A 429 2.36 29.75 4.88
N ALA A 430 2.29 30.85 5.61
CA ALA A 430 2.58 32.16 5.02
C ALA A 430 4.04 32.20 4.58
N GLU A 431 4.92 31.65 5.39
CA GLU A 431 6.33 31.59 5.03
C GLU A 431 6.57 30.64 3.86
N PHE A 432 5.86 29.52 3.80
CA PHE A 432 5.96 28.65 2.64
C PHE A 432 5.58 29.40 1.37
N GLU A 433 4.50 30.19 1.45
CA GLU A 433 4.03 30.92 0.28
C GLU A 433 5.08 31.92 -0.17
N HIS A 434 5.65 32.64 0.78
CA HIS A 434 6.72 33.59 0.47
C HIS A 434 7.90 32.89 -0.19
N ALA A 435 8.23 31.70 0.31
CA ALA A 435 9.37 30.93 -0.21
C ALA A 435 9.06 30.26 -1.56
N SER A 436 7.81 30.38 -1.99
CA SER A 436 7.36 29.69 -3.19
C SER A 436 6.81 30.63 -4.26
N SER A 437 7.02 31.94 -4.09
CA SER A 437 6.42 32.92 -4.97
C SER A 437 6.99 32.88 -6.40
N THR A 438 8.16 32.25 -6.55
CA THR A 438 8.76 32.08 -7.86
C THR A 438 9.04 30.61 -8.13
N TRP A 439 8.14 29.74 -7.68
CA TRP A 439 8.37 28.29 -7.73
C TRP A 439 8.62 27.75 -9.15
N HIS A 440 7.82 28.18 -10.12
CA HIS A 440 7.96 27.60 -11.45
C HIS A 440 9.17 28.16 -12.19
N THR A 441 9.49 29.43 -11.95
CA THR A 441 10.69 30.03 -12.50
C THR A 441 11.94 29.29 -12.03
N GLU A 442 11.98 28.96 -10.74
CA GLU A 442 13.12 28.24 -10.20
C GLU A 442 13.27 26.88 -10.88
N LEU A 443 12.15 26.22 -11.16
CA LEU A 443 12.20 24.89 -11.75
C LEU A 443 12.55 24.87 -13.25
N THR A 444 12.30 25.98 -13.96
CA THR A 444 12.52 25.99 -15.41
C THR A 444 13.81 26.73 -15.86
N LYS A 445 14.64 27.13 -14.89
CA LYS A 445 15.92 27.79 -15.20
C LYS A 445 16.75 27.09 -16.28
N THR A 446 17.59 27.86 -16.95
CA THR A 446 18.40 27.38 -18.09
C THR A 446 17.53 26.89 -19.24
N ILE B 3 -17.31 -28.95 19.71
CA ILE B 3 -17.27 -27.52 19.98
C ILE B 3 -18.60 -26.84 19.65
N ASN B 4 -19.17 -26.20 20.66
CA ASN B 4 -20.35 -25.36 20.51
C ASN B 4 -19.87 -23.91 20.53
N ILE B 5 -19.97 -23.21 19.40
CA ILE B 5 -19.41 -21.86 19.33
C ILE B 5 -20.24 -20.81 20.07
N GLN B 6 -21.45 -21.19 20.49
CA GLN B 6 -22.24 -20.30 21.35
C GLN B 6 -21.70 -20.33 22.77
N GLU B 7 -21.12 -21.46 23.16
CA GLU B 7 -20.47 -21.56 24.47
C GLU B 7 -19.01 -21.14 24.41
N ASP B 8 -18.27 -21.66 23.44
CA ASP B 8 -16.87 -21.29 23.24
C ASP B 8 -16.85 -20.01 22.40
N LYS B 9 -17.08 -18.88 23.06
CA LYS B 9 -17.40 -17.63 22.38
C LYS B 9 -16.31 -17.11 21.45
N LEU B 10 -15.07 -17.52 21.66
CA LEU B 10 -13.95 -17.02 20.87
C LEU B 10 -13.72 -17.80 19.58
N VAL B 11 -14.46 -18.89 19.38
CA VAL B 11 -14.19 -19.79 18.26
C VAL B 11 -15.04 -19.42 17.05
N SER B 12 -14.40 -19.32 15.88
CA SER B 12 -15.15 -19.01 14.67
C SER B 12 -15.80 -20.27 14.11
N ALA B 13 -16.89 -20.10 13.38
CA ALA B 13 -17.57 -21.22 12.74
C ALA B 13 -16.61 -22.02 11.85
N HIS B 14 -15.80 -21.31 11.09
CA HIS B 14 -14.84 -21.99 10.22
C HIS B 14 -13.88 -22.87 11.01
N ASP B 15 -13.31 -22.33 12.08
CA ASP B 15 -12.36 -23.08 12.88
C ASP B 15 -12.99 -24.31 13.52
N ALA B 16 -14.24 -24.17 13.98
CA ALA B 16 -14.95 -25.29 14.58
C ALA B 16 -15.20 -26.38 13.54
N GLU B 17 -15.47 -25.99 12.31
CA GLU B 17 -15.69 -26.97 11.25
C GLU B 17 -14.41 -27.76 10.95
N GLU B 18 -13.27 -27.07 10.97
CA GLU B 18 -12.01 -27.72 10.65
C GLU B 18 -11.53 -28.71 11.71
N ILE B 19 -11.80 -28.40 12.97
CA ILE B 19 -11.54 -29.31 14.09
C ILE B 19 -12.27 -30.63 13.89
N LEU B 20 -13.57 -30.53 13.60
CA LEU B 20 -14.45 -31.68 13.44
C LEU B 20 -13.87 -32.69 12.47
N ARG B 21 -13.23 -32.17 11.42
CA ARG B 21 -12.68 -32.96 10.33
C ARG B 21 -11.62 -33.98 10.78
N PHE B 22 -10.87 -33.61 11.82
CA PHE B 22 -9.71 -34.40 12.24
C PHE B 22 -9.97 -35.21 13.49
N PHE B 23 -10.96 -34.80 14.26
CA PHE B 23 -11.26 -35.49 15.51
C PHE B 23 -11.95 -36.83 15.27
N ASN B 24 -12.59 -36.96 14.11
CA ASN B 24 -13.31 -38.18 13.76
C ASN B 24 -12.41 -39.36 13.42
N CYS B 25 -12.38 -39.75 12.15
CA CYS B 25 -11.48 -40.83 11.77
C CYS B 25 -10.04 -40.42 11.99
N HIS B 26 -9.30 -41.23 12.73
CA HIS B 26 -7.87 -41.05 12.75
C HIS B 26 -7.20 -42.20 12.01
N ASP B 27 -6.54 -41.87 10.91
CA ASP B 27 -5.84 -42.82 10.09
C ASP B 27 -4.35 -42.53 10.30
N SER B 28 -3.68 -43.33 11.14
CA SER B 28 -2.28 -43.05 11.48
C SER B 28 -1.35 -43.11 10.26
N ALA B 29 -1.64 -44.03 9.35
CA ALA B 29 -0.85 -44.17 8.13
C ALA B 29 -0.97 -42.93 7.26
N LEU B 30 -2.14 -42.32 7.29
CA LEU B 30 -2.39 -41.11 6.51
C LEU B 30 -1.62 -39.92 7.09
N GLN B 31 -1.53 -39.84 8.41
CA GLN B 31 -0.78 -38.78 9.06
C GLN B 31 0.69 -38.89 8.66
N GLN B 32 1.18 -40.12 8.59
CA GLN B 32 2.55 -40.38 8.18
C GLN B 32 2.82 -40.01 6.71
N GLU B 33 1.92 -40.42 5.82
CA GLU B 33 1.98 -40.02 4.41
C GLU B 33 2.00 -38.50 4.26
N ALA B 34 1.11 -37.82 4.98
CA ALA B 34 1.03 -36.36 4.93
C ALA B 34 2.33 -35.73 5.41
N THR B 35 2.92 -36.31 6.46
CA THR B 35 4.18 -35.78 6.98
C THR B 35 5.28 -35.86 5.93
N THR B 36 5.36 -37.00 5.25
CA THR B 36 6.33 -37.19 4.18
C THR B 36 6.13 -36.18 3.06
N LEU B 37 4.88 -36.02 2.62
CA LEU B 37 4.51 -35.11 1.55
C LEU B 37 4.97 -33.69 1.87
N LEU B 38 4.68 -33.24 3.09
CA LEU B 38 4.97 -31.86 3.49
C LEU B 38 6.47 -31.66 3.73
N THR B 39 7.15 -32.69 4.21
CA THR B 39 8.58 -32.59 4.44
C THR B 39 9.32 -32.49 3.11
N GLN B 40 8.90 -33.28 2.14
CA GLN B 40 9.52 -33.24 0.83
C GLN B 40 9.22 -31.92 0.12
N GLU B 41 7.99 -31.42 0.25
CA GLU B 41 7.64 -30.12 -0.31
C GLU B 41 8.52 -29.03 0.29
N ALA B 42 8.68 -29.05 1.61
CA ALA B 42 9.48 -28.04 2.29
C ALA B 42 10.96 -28.11 1.90
N HIS B 43 11.45 -29.32 1.64
CA HIS B 43 12.84 -29.51 1.22
C HIS B 43 13.07 -28.88 -0.15
N LEU B 44 12.18 -29.17 -1.09
CA LEU B 44 12.26 -28.58 -2.43
C LEU B 44 12.23 -27.06 -2.37
N LEU B 45 11.34 -26.51 -1.54
CA LEU B 45 11.26 -25.04 -1.41
C LEU B 45 12.53 -24.48 -0.76
N ASP B 46 13.05 -25.17 0.27
CA ASP B 46 14.22 -24.66 1.00
C ASP B 46 15.45 -24.55 0.13
N ILE B 47 15.61 -25.48 -0.81
CA ILE B 47 16.76 -25.45 -1.70
C ILE B 47 16.48 -24.63 -2.95
N GLN B 48 15.29 -24.02 -2.97
CA GLN B 48 14.88 -23.09 -4.03
C GLN B 48 14.72 -23.80 -5.38
N ALA B 49 14.31 -25.06 -5.31
CA ALA B 49 13.94 -25.83 -6.50
C ALA B 49 12.48 -25.54 -6.85
N TYR B 50 12.23 -24.30 -7.24
CA TYR B 50 10.86 -23.86 -7.46
C TYR B 50 10.20 -24.55 -8.65
N ARG B 51 10.96 -24.85 -9.70
CA ARG B 51 10.37 -25.59 -10.81
C ARG B 51 9.99 -27.01 -10.40
N ALA B 52 10.87 -27.65 -9.64
CA ALA B 52 10.59 -29.00 -9.14
C ALA B 52 9.38 -28.99 -8.22
N TRP B 53 9.24 -27.92 -7.42
CA TRP B 53 8.09 -27.79 -6.55
C TRP B 53 6.80 -27.76 -7.37
N LEU B 54 6.79 -26.93 -8.41
CA LEU B 54 5.61 -26.85 -9.28
C LEU B 54 5.29 -28.20 -9.93
N GLU B 55 6.32 -28.87 -10.46
CA GLU B 55 6.13 -30.13 -11.16
C GLU B 55 5.68 -31.26 -10.25
N HIS B 56 6.23 -31.29 -9.04
CA HIS B 56 6.04 -32.44 -8.18
C HIS B 56 4.99 -32.24 -7.09
N CYS B 57 4.74 -30.98 -6.71
CA CYS B 57 3.93 -30.71 -5.52
C CYS B 57 2.64 -29.96 -5.77
N VAL B 58 2.53 -29.29 -6.92
CA VAL B 58 1.42 -28.37 -7.17
C VAL B 58 0.49 -28.84 -8.29
N GLY B 59 -0.80 -29.01 -7.98
CA GLY B 59 -1.78 -29.43 -8.96
C GLY B 59 -2.16 -28.35 -9.95
N SER B 60 -2.56 -28.75 -11.16
CA SER B 60 -2.91 -27.77 -12.19
C SER B 60 -4.10 -26.90 -11.77
N GLU B 61 -4.97 -27.42 -10.91
CA GLU B 61 -6.17 -26.70 -10.48
C GLU B 61 -5.98 -25.96 -9.16
N VAL B 62 -4.74 -25.73 -8.76
CA VAL B 62 -4.45 -25.15 -7.46
C VAL B 62 -5.05 -23.74 -7.25
N GLN B 63 -5.51 -23.51 -6.03
CA GLN B 63 -5.68 -22.15 -5.50
C GLN B 63 -4.75 -22.02 -4.32
N TYR B 64 -3.81 -21.08 -4.41
CA TYR B 64 -2.81 -20.88 -3.37
C TYR B 64 -3.09 -19.51 -2.77
N GLN B 65 -3.62 -19.50 -1.54
CA GLN B 65 -4.19 -18.28 -0.98
C GLN B 65 -3.69 -17.98 0.42
N VAL B 66 -3.23 -16.74 0.59
CA VAL B 66 -2.82 -16.23 1.90
C VAL B 66 -3.56 -14.92 2.11
N ILE B 67 -4.36 -14.83 3.16
CA ILE B 67 -5.09 -13.59 3.41
C ILE B 67 -4.57 -12.79 4.60
N SER B 68 -4.91 -11.51 4.60
CA SER B 68 -4.71 -10.65 5.76
C SER B 68 -6.04 -10.04 6.12
N ARG B 69 -6.49 -10.33 7.34
CA ARG B 69 -7.80 -9.97 7.82
C ARG B 69 -7.73 -8.63 8.58
N GLU B 70 -8.60 -7.70 8.23
CA GLU B 70 -8.68 -6.42 8.94
C GLU B 70 -9.08 -6.63 10.40
N LEU B 71 -8.46 -5.88 11.31
CA LEU B 71 -8.79 -5.94 12.73
C LEU B 71 -10.13 -5.28 12.97
N ARG B 72 -11.08 -6.04 13.50
CA ARG B 72 -12.42 -5.55 13.76
C ARG B 72 -12.78 -5.86 15.20
N ALA B 73 -13.79 -5.17 15.74
CA ALA B 73 -14.19 -5.39 17.12
C ALA B 73 -14.78 -6.79 17.27
N ALA B 74 -14.50 -7.43 18.40
CA ALA B 74 -15.06 -8.76 18.65
C ALA B 74 -16.58 -8.72 18.63
N SER B 75 -17.15 -7.57 19.01
CA SER B 75 -18.59 -7.40 19.10
C SER B 75 -19.20 -6.79 17.84
N GLU B 76 -18.38 -6.59 16.81
CA GLU B 76 -18.86 -5.96 15.57
C GLU B 76 -19.92 -6.79 14.86
N ARG B 77 -20.99 -6.13 14.46
CA ARG B 77 -22.14 -6.78 13.86
C ARG B 77 -22.78 -5.99 12.71
N ARG B 78 -22.34 -4.75 12.51
CA ARG B 78 -22.95 -3.89 11.50
C ARG B 78 -22.07 -3.68 10.27
N TYR B 79 -20.78 -3.42 10.49
CA TYR B 79 -19.82 -3.12 9.42
C TYR B 79 -19.50 -4.39 8.62
N LYS B 80 -19.88 -4.40 7.34
CA LYS B 80 -19.87 -5.62 6.55
C LYS B 80 -19.07 -5.58 5.24
N LEU B 81 -18.13 -4.65 5.14
CA LEU B 81 -17.32 -4.52 3.94
C LEU B 81 -16.21 -5.56 3.97
N ASN B 82 -15.56 -5.76 2.81
CA ASN B 82 -14.49 -6.75 2.62
C ASN B 82 -13.67 -6.98 3.88
N GLU B 83 -13.73 -8.18 4.43
CA GLU B 83 -13.05 -8.48 5.68
C GLU B 83 -11.55 -8.71 5.52
N ALA B 84 -11.13 -9.14 4.33
CA ALA B 84 -9.74 -9.50 4.13
C ALA B 84 -9.26 -9.09 2.75
N MET B 85 -7.94 -8.98 2.61
CA MET B 85 -7.34 -8.86 1.30
C MET B 85 -6.48 -10.10 1.04
N ASN B 86 -6.16 -10.34 -0.23
CA ASN B 86 -5.34 -11.49 -0.62
C ASN B 86 -3.89 -11.09 -0.83
N VAL B 87 -3.03 -11.54 0.08
CA VAL B 87 -1.59 -11.40 -0.10
C VAL B 87 -1.16 -12.31 -1.25
N TYR B 88 -1.71 -13.52 -1.27
CA TYR B 88 -1.64 -14.43 -2.41
C TYR B 88 -3.04 -14.91 -2.72
N ASN B 89 -3.36 -15.08 -4.00
CA ASN B 89 -4.56 -15.81 -4.41
C ASN B 89 -4.30 -16.30 -5.83
N GLU B 90 -3.46 -17.33 -5.92
CA GLU B 90 -2.84 -17.71 -7.18
C GLU B 90 -3.37 -19.00 -7.76
N ASN B 91 -3.61 -18.97 -9.06
CA ASN B 91 -3.78 -20.21 -9.83
C ASN B 91 -2.40 -20.72 -10.28
N PHE B 92 -2.36 -21.84 -11.01
CA PHE B 92 -1.08 -22.43 -11.38
C PHE B 92 -0.24 -21.48 -12.23
N GLN B 93 -0.87 -20.81 -13.18
CA GLN B 93 -0.12 -19.90 -14.05
C GLN B 93 0.45 -18.72 -13.27
N GLN B 94 -0.29 -18.24 -12.28
CA GLN B 94 0.20 -17.14 -11.45
C GLN B 94 1.36 -17.58 -10.57
N LEU B 95 1.30 -18.81 -10.05
CA LEU B 95 2.46 -19.36 -9.35
C LEU B 95 3.65 -19.48 -10.30
N LYS B 96 3.40 -19.92 -11.54
CA LYS B 96 4.48 -20.03 -12.52
C LYS B 96 5.16 -18.68 -12.78
N VAL B 97 4.37 -17.62 -12.89
CA VAL B 97 4.91 -16.26 -13.02
C VAL B 97 5.85 -15.95 -11.87
N ARG B 98 5.42 -16.25 -10.64
CA ARG B 98 6.23 -15.95 -9.47
C ARG B 98 7.50 -16.80 -9.48
N VAL B 99 7.41 -18.03 -9.98
CA VAL B 99 8.59 -18.90 -10.04
C VAL B 99 9.57 -18.37 -11.09
N GLU B 100 9.06 -17.92 -12.23
CA GLU B 100 9.95 -17.34 -13.24
C GLU B 100 10.61 -16.07 -12.73
N HIS B 101 9.88 -15.29 -11.96
CA HIS B 101 10.44 -14.08 -11.34
C HIS B 101 11.60 -14.44 -10.40
N GLN B 102 11.41 -15.50 -9.61
CA GLN B 102 12.50 -15.96 -8.74
C GLN B 102 13.74 -16.41 -9.51
N LEU B 103 13.53 -17.06 -10.65
CA LEU B 103 14.63 -17.68 -11.36
C LEU B 103 15.32 -16.77 -12.37
N ASP B 104 14.73 -15.60 -12.61
CA ASP B 104 15.24 -14.67 -13.60
C ASP B 104 16.64 -14.19 -13.19
N PRO B 105 17.60 -14.22 -14.12
CA PRO B 105 18.96 -13.79 -13.78
C PRO B 105 19.09 -12.29 -13.52
N GLN B 106 18.04 -11.54 -13.83
CA GLN B 106 18.04 -10.11 -13.50
C GLN B 106 17.17 -9.79 -12.29
N ASN B 107 16.83 -10.82 -11.51
CA ASN B 107 16.25 -10.57 -10.20
C ASN B 107 17.40 -10.23 -9.26
N TRP B 108 17.70 -8.93 -9.15
CA TRP B 108 18.89 -8.50 -8.44
C TRP B 108 18.83 -8.86 -6.96
N GLY B 109 17.62 -8.93 -6.41
CA GLY B 109 17.44 -9.22 -5.00
C GLY B 109 17.87 -10.63 -4.62
N ASN B 110 18.02 -11.49 -5.61
CA ASN B 110 18.44 -12.87 -5.36
C ASN B 110 19.96 -13.09 -5.46
N SER B 111 20.72 -12.00 -5.50
CA SER B 111 22.17 -12.12 -5.46
C SER B 111 22.70 -11.17 -4.41
N PRO B 112 23.43 -11.68 -3.40
CA PRO B 112 23.79 -13.10 -3.21
C PRO B 112 22.57 -13.97 -2.86
N LYS B 113 22.71 -15.26 -3.11
CA LYS B 113 21.62 -16.22 -2.95
C LYS B 113 21.02 -16.19 -1.54
N LEU B 114 19.69 -16.23 -1.47
CA LEU B 114 18.97 -16.28 -0.21
C LEU B 114 19.15 -17.63 0.46
N ARG B 115 18.85 -17.69 1.75
CA ARG B 115 18.88 -18.94 2.48
C ARG B 115 17.54 -19.15 3.17
N PHE B 116 16.92 -20.29 2.90
CA PHE B 116 15.63 -20.63 3.47
C PHE B 116 15.73 -21.88 4.34
N THR B 117 15.05 -21.84 5.48
CA THR B 117 14.91 -23.01 6.34
C THR B 117 13.47 -23.08 6.84
N ARG B 118 12.80 -24.19 6.53
CA ARG B 118 11.40 -24.38 6.95
C ARG B 118 11.23 -25.45 8.02
N PHE B 119 10.36 -25.19 8.96
CA PHE B 119 10.07 -26.12 10.04
C PHE B 119 8.58 -26.42 10.02
N ILE B 120 8.24 -27.66 9.70
CA ILE B 120 6.85 -28.05 9.56
C ILE B 120 6.46 -28.90 10.74
N THR B 121 5.36 -28.54 11.42
CA THR B 121 4.93 -29.27 12.61
C THR B 121 3.42 -29.45 12.64
N ASN B 122 2.92 -30.20 13.63
CA ASN B 122 1.49 -30.29 13.91
C ASN B 122 0.70 -30.83 12.72
N VAL B 123 1.24 -31.84 12.05
CA VAL B 123 0.59 -32.36 10.86
C VAL B 123 -0.64 -33.19 11.25
N GLN B 124 -1.76 -32.89 10.60
CA GLN B 124 -3.00 -33.67 10.73
C GLN B 124 -3.52 -33.95 9.34
N ALA B 125 -4.12 -35.11 9.16
CA ALA B 125 -4.64 -35.50 7.85
C ALA B 125 -5.95 -36.25 7.96
N ALA B 126 -6.85 -35.98 7.03
CA ALA B 126 -8.12 -36.69 6.96
C ALA B 126 -8.64 -36.70 5.53
N MET B 127 -9.13 -37.86 5.09
CA MET B 127 -9.77 -37.92 3.78
C MET B 127 -11.09 -37.16 3.82
N ASP B 128 -11.43 -36.51 2.71
CA ASP B 128 -12.75 -35.89 2.57
C ASP B 128 -13.82 -36.98 2.59
N VAL B 129 -14.97 -36.64 3.17
CA VAL B 129 -16.11 -37.56 3.28
C VAL B 129 -16.67 -37.88 1.91
N ASN B 130 -16.88 -36.84 1.13
CA ASN B 130 -17.62 -36.94 -0.12
C ASN B 130 -16.72 -37.23 -1.32
N ASP B 131 -15.56 -36.58 -1.36
CA ASP B 131 -14.56 -36.86 -2.39
C ASP B 131 -13.48 -37.76 -1.80
N LYS B 132 -13.64 -39.07 -2.00
CA LYS B 132 -12.73 -40.07 -1.45
C LYS B 132 -11.29 -39.93 -1.93
N GLU B 133 -11.06 -39.07 -2.91
CA GLU B 133 -9.72 -38.85 -3.44
C GLU B 133 -9.13 -37.51 -2.98
N LEU B 134 -9.89 -36.79 -2.16
CA LEU B 134 -9.43 -35.51 -1.65
C LEU B 134 -8.88 -35.67 -0.23
N LEU B 135 -7.61 -35.31 -0.05
CA LEU B 135 -6.98 -35.39 1.26
C LEU B 135 -6.85 -34.00 1.90
N HIS B 136 -7.45 -33.83 3.07
CA HIS B 136 -7.26 -32.62 3.87
C HIS B 136 -6.01 -32.76 4.73
N ILE B 137 -5.12 -31.80 4.65
CA ILE B 137 -3.93 -31.77 5.50
C ILE B 137 -3.80 -30.42 6.17
N ARG B 138 -3.61 -30.43 7.50
CA ARG B 138 -3.34 -29.20 8.24
C ARG B 138 -1.93 -29.30 8.78
N SER B 139 -1.20 -28.19 8.76
CA SER B 139 0.15 -28.16 9.33
C SER B 139 0.55 -26.72 9.61
N ASN B 140 1.50 -26.56 10.54
CA ASN B 140 2.02 -25.25 10.87
C ASN B 140 3.45 -25.12 10.35
N VAL B 141 3.82 -23.90 9.95
CA VAL B 141 5.16 -23.66 9.44
C VAL B 141 5.83 -22.48 10.14
N ILE B 142 7.09 -22.68 10.51
CA ILE B 142 8.01 -21.57 10.79
C ILE B 142 8.94 -21.49 9.60
N LEU B 143 9.05 -20.30 9.02
CA LEU B 143 9.87 -20.14 7.83
C LEU B 143 10.90 -19.06 8.13
N HIS B 144 12.17 -19.45 8.06
CA HIS B 144 13.31 -18.58 8.32
C HIS B 144 13.96 -18.20 6.98
N ARG B 145 14.04 -16.91 6.71
CA ARG B 145 14.70 -16.40 5.50
C ARG B 145 15.86 -15.46 5.88
N ALA B 146 17.05 -15.78 5.41
CA ALA B 146 18.25 -14.98 5.72
C ALA B 146 18.90 -14.50 4.45
N ARG B 147 19.31 -13.24 4.45
CA ARG B 147 19.95 -12.69 3.26
C ARG B 147 20.85 -11.52 3.61
N ARG B 148 21.85 -11.29 2.78
CA ARG B 148 22.63 -10.06 2.81
C ARG B 148 23.28 -9.74 4.15
N GLY B 149 23.81 -10.79 4.77
CA GLY B 149 24.63 -10.63 5.96
C GLY B 149 23.84 -10.60 7.24
N ASN B 150 22.92 -9.64 7.37
CA ASN B 150 22.24 -9.44 8.64
C ASN B 150 20.73 -9.26 8.56
N GLN B 151 20.14 -9.62 7.41
CA GLN B 151 18.68 -9.59 7.30
C GLN B 151 18.13 -10.97 7.65
N VAL B 152 17.23 -11.00 8.62
CA VAL B 152 16.62 -12.24 9.08
C VAL B 152 15.13 -12.01 9.28
N ASP B 153 14.32 -12.79 8.58
CA ASP B 153 12.88 -12.67 8.67
C ASP B 153 12.29 -14.03 8.99
N VAL B 154 11.43 -14.07 10.00
CA VAL B 154 10.82 -15.32 10.42
C VAL B 154 9.31 -15.22 10.32
N PHE B 155 8.73 -16.17 9.59
CA PHE B 155 7.29 -16.21 9.34
C PHE B 155 6.67 -17.39 10.09
N TYR B 156 5.43 -17.21 10.55
CA TYR B 156 4.71 -18.21 11.34
C TYR B 156 3.29 -18.31 10.80
N ALA B 157 2.81 -19.51 10.54
CA ALA B 157 1.47 -19.66 9.97
C ALA B 157 0.92 -21.07 10.11
N ALA B 158 -0.40 -21.16 10.13
CA ALA B 158 -1.10 -22.43 10.01
C ALA B 158 -1.61 -22.58 8.59
N ARG B 159 -1.46 -23.77 8.02
CA ARG B 159 -1.87 -24.01 6.64
C ARG B 159 -2.99 -25.02 6.54
N GLU B 160 -4.09 -24.62 5.90
CA GLU B 160 -5.17 -25.56 5.59
C GLU B 160 -5.07 -25.98 4.14
N ASP B 161 -4.65 -27.22 3.91
CA ASP B 161 -4.41 -27.72 2.55
C ASP B 161 -5.43 -28.75 2.12
N LYS B 162 -5.62 -28.82 0.81
CA LYS B 162 -6.25 -29.97 0.16
C LYS B 162 -5.26 -30.53 -0.85
N TRP B 163 -5.05 -31.84 -0.83
CA TRP B 163 -4.14 -32.50 -1.76
C TRP B 163 -4.90 -33.60 -2.50
N LYS B 164 -4.57 -33.79 -3.77
CA LYS B 164 -5.25 -34.79 -4.58
C LYS B 164 -4.26 -35.49 -5.52
N ARG B 165 -4.48 -36.77 -5.78
CA ARG B 165 -3.61 -37.52 -6.70
C ARG B 165 -3.76 -37.04 -8.15
N GLY B 166 -2.64 -36.66 -8.76
CA GLY B 166 -2.65 -36.18 -10.13
C GLY B 166 -1.84 -37.08 -11.05
N GLU B 167 -1.08 -36.45 -11.96
CA GLU B 167 -0.27 -37.18 -12.93
C GLU B 167 0.65 -38.20 -12.27
N GLY B 168 0.56 -39.46 -12.72
CA GLY B 168 1.40 -40.53 -12.21
C GLY B 168 0.99 -41.02 -10.83
N GLY B 169 -0.17 -40.58 -10.36
CA GLY B 169 -0.66 -40.97 -9.04
C GLY B 169 -0.03 -40.17 -7.92
N VAL B 170 0.73 -39.14 -8.29
CA VAL B 170 1.42 -38.30 -7.32
C VAL B 170 0.45 -37.33 -6.64
N ARG B 171 0.42 -37.32 -5.31
CA ARG B 171 -0.42 -36.38 -4.56
C ARG B 171 0.10 -34.95 -4.70
N LYS B 172 -0.78 -34.05 -5.11
CA LYS B 172 -0.38 -32.66 -5.33
C LYS B 172 -1.33 -31.70 -4.66
N LEU B 173 -0.81 -30.52 -4.35
CA LEU B 173 -1.56 -29.48 -3.67
C LEU B 173 -2.61 -28.90 -4.62
N VAL B 174 -3.87 -28.94 -4.21
CA VAL B 174 -4.93 -28.31 -5.01
C VAL B 174 -5.52 -27.08 -4.31
N GLN B 175 -5.29 -26.96 -3.02
CA GLN B 175 -5.65 -25.74 -2.31
C GLN B 175 -4.77 -25.56 -1.09
N ARG B 176 -4.25 -24.35 -0.92
CA ARG B 176 -3.65 -23.97 0.36
C ARG B 176 -4.31 -22.69 0.80
N PHE B 177 -4.74 -22.66 2.06
CA PHE B 177 -5.32 -21.46 2.65
C PHE B 177 -4.57 -21.12 3.92
N VAL B 178 -4.05 -19.90 3.98
CA VAL B 178 -3.41 -19.39 5.17
C VAL B 178 -4.06 -18.05 5.53
N ASP B 179 -4.47 -17.90 6.78
CA ASP B 179 -4.96 -16.63 7.33
C ASP B 179 -3.78 -16.09 8.13
N TYR B 180 -3.01 -15.15 7.57
CA TYR B 180 -1.73 -14.81 8.17
C TYR B 180 -1.93 -14.14 9.55
N PRO B 181 -1.20 -14.60 10.57
CA PRO B 181 -1.58 -14.15 11.91
C PRO B 181 -1.17 -12.73 12.27
N GLU B 182 -0.16 -12.18 11.61
CA GLU B 182 0.28 -10.82 11.91
C GLU B 182 -0.33 -9.86 10.91
N ARG B 183 -1.02 -8.84 11.41
CA ARG B 183 -1.71 -7.90 10.52
C ARG B 183 -0.73 -6.97 9.80
N ILE B 184 0.24 -6.44 10.53
CA ILE B 184 1.26 -5.60 9.92
C ILE B 184 2.55 -6.42 9.85
N LEU B 185 3.00 -6.70 8.62
CA LEU B 185 4.21 -7.51 8.45
C LEU B 185 5.45 -6.76 8.91
N GLN B 186 6.31 -7.47 9.65
CA GLN B 186 7.58 -6.89 10.10
C GLN B 186 8.75 -7.66 9.51
N THR B 187 8.55 -8.16 8.30
CA THR B 187 9.50 -9.02 7.59
C THR B 187 9.89 -8.44 6.21
N HIS B 188 9.72 -7.12 6.04
CA HIS B 188 9.99 -6.38 4.79
C HIS B 188 8.99 -6.70 3.66
N ASN B 189 8.57 -7.95 3.57
CA ASN B 189 7.57 -8.39 2.60
C ASN B 189 7.11 -9.81 2.97
N LEU B 190 6.14 -10.34 2.21
CA LEU B 190 5.74 -11.74 2.39
C LEU B 190 6.09 -12.55 1.15
N MET B 191 7.25 -12.24 0.57
CA MET B 191 7.69 -12.87 -0.67
C MET B 191 8.29 -14.25 -0.43
N VAL B 192 7.58 -15.08 0.30
CA VAL B 192 7.99 -16.47 0.53
C VAL B 192 6.79 -17.38 0.29
N PHE B 193 7.05 -18.61 -0.14
CA PHE B 193 5.97 -19.58 -0.28
C PHE B 193 5.76 -20.28 1.05
N LEU B 194 4.69 -19.91 1.73
CA LEU B 194 4.29 -20.58 2.96
C LEU B 194 3.72 -21.93 2.61
FE1 FES C . -9.27 7.36 31.71
FE2 FES C . -9.61 7.03 29.11
S1 FES C . -11.15 7.06 30.64
S2 FES C . -7.70 7.18 30.18
FE FE D . 9.73 0.41 -8.75
C9 16Q E . 7.11 4.72 -10.55
C9 16Q E . 5.27 2.97 -14.33
C8 16Q E . 6.77 3.55 -9.70
C8 16Q E . 4.96 1.60 -13.76
O7 16Q E . 6.46 2.45 -10.52
O7 16Q E . 5.51 1.47 -12.47
C1 16Q E . 6.03 2.56 -11.81
C1 16Q E . 6.05 2.54 -11.82
C2 16Q E . 5.46 1.45 -12.40
C2 16Q E . 6.32 2.44 -10.47
C6 16Q E . 6.21 3.73 -12.53
C6 16Q E . 6.37 3.71 -12.46
C5 16Q E . 5.76 3.78 -13.83
C5 16Q E . 6.94 4.74 -11.77
C4 16Q E . 5.17 2.68 -14.41
C4 16Q E . 7.16 4.65 -10.41
C3 16Q E . 5.01 1.53 -13.68
C3 16Q E . 6.85 3.48 -9.76
C1 EDO F . 1.89 15.05 12.36
O1 EDO F . 1.04 15.49 13.43
C2 EDO F . 3.15 14.41 12.93
O2 EDO F . 2.87 13.06 13.38
C1 EDO G . 24.87 10.29 -2.50
O1 EDO G . 25.62 9.75 -1.41
C2 EDO G . 25.57 10.12 -3.85
O2 EDO G . 26.84 10.79 -3.88
S SO4 H . -20.91 19.96 30.53
O1 SO4 H . -20.21 18.95 31.33
O2 SO4 H . -19.97 20.67 29.68
O3 SO4 H . -21.89 19.27 29.69
O4 SO4 H . -21.59 20.91 31.42
C1 EDO I . -20.55 -0.32 5.34
O1 EDO I . -21.47 0.67 5.81
C2 EDO I . -21.27 -1.64 5.13
O2 EDO I . -21.54 -2.24 6.42
C1 EDO J . -22.16 3.61 34.27
O1 EDO J . -21.14 4.00 33.33
C2 EDO J . -22.06 4.49 35.51
O2 EDO J . -22.60 5.80 35.26
S SO4 K . 2.03 31.13 -8.73
O1 SO4 K . 2.80 31.23 -7.49
O2 SO4 K . 2.85 31.64 -9.84
O3 SO4 K . 1.69 29.74 -8.99
O4 SO4 K . 0.82 31.93 -8.63
C1 EDO L . 7.43 -16.71 -3.44
O1 EDO L . 7.17 -15.35 -3.06
C2 EDO L . 8.90 -16.84 -3.83
O2 EDO L . 9.72 -16.74 -2.65
C1 EDO M . -8.37 -14.80 -12.06
O1 EDO M . -7.00 -14.55 -11.76
C2 EDO M . -8.55 -16.26 -12.49
O2 EDO M . -8.35 -17.15 -11.37
C1 EDO N . -6.27 -21.36 9.23
O1 EDO N . -6.75 -20.19 9.87
C2 EDO N . -5.32 -20.99 8.09
O2 EDO N . -4.25 -20.14 8.58
S SO4 O . -12.38 -17.16 -2.10
O1 SO4 O . -11.48 -16.31 -1.31
O2 SO4 O . -11.68 -17.61 -3.31
O3 SO4 O . -12.76 -18.32 -1.30
O4 SO4 O . -13.58 -16.41 -2.46
S SO4 P . -1.56 -32.50 -12.25
O1 SO4 P . -0.73 -33.55 -11.66
O2 SO4 P . -0.74 -31.53 -12.96
O3 SO4 P . -2.52 -33.11 -13.16
O4 SO4 P . -2.31 -31.78 -11.21
C1 EDO Q . -11.24 -12.52 1.69
O1 EDO Q . -10.12 -12.25 0.82
C2 EDO Q . -12.50 -11.71 1.34
O2 EDO Q . -12.86 -10.75 2.35
#